data_2XNK
#
_entry.id   2XNK
#
_cell.length_a   39.490
_cell.length_b   290.280
_cell.length_c   60.580
_cell.angle_alpha   90.00
_cell.angle_beta   89.85
_cell.angle_gamma   90.00
#
_symmetry.space_group_name_H-M   'P 1 21 1'
#
loop_
_entity.id
_entity.type
_entity.pdbx_description
1 polymer 'DNA TOPOISOMERASE 2-BINDING PROTEIN 1'
2 non-polymer GLYCEROL
3 water water
#
_entity_poly.entity_id   1
_entity_poly.type   'polypeptide(L)'
_entity_poly.pdbx_seq_one_letter_code
;GP(MSE)SRNDKEPFFVKFLKSSDNSKCFFKALESIKEFQSEEYLQIITEEEALKIKENDRSLYICDPFSGVVFDHLKKL
GCRIVGPQVVIFC(MSE)HHQRCVPRAEHPVYN(MSE)V(MSE)SDVTISCTSLEKEKREEVHKYVQ(MSE)(MSE)GGR
VYRDLNVSVTHLIAGEVGSKKYLVAANLKKPILLPSWIKTLWEKSQEKKITRYTDIN(MSE)EDFKCPIFLGCIICVTGL
CGLDRKEVQQLTVKHGGQY(MSE)GQLK(MSE)NECTHLIVQEPKGQKYECAKRWNVHCVTTQWFFDSIEKGFCQDESIY
KTEPRPEA
;
_entity_poly.pdbx_strand_id   A,B,C,D
#
loop_
_chem_comp.id
_chem_comp.type
_chem_comp.name
_chem_comp.formula
GOL non-polymer GLYCEROL 'C3 H8 O3'
#
# COMPACT_ATOMS: atom_id res chain seq x y z
N GLY A 1 -52.16 -10.79 49.56
CA GLY A 1 -52.04 -9.93 48.39
C GLY A 1 -52.60 -8.54 48.64
N PRO A 2 -53.64 -8.17 47.89
CA PRO A 2 -54.33 -6.88 47.99
C PRO A 2 -54.98 -6.58 49.35
N MSE A 3 -55.10 -5.31 49.70
CA MSE A 3 -55.20 -4.77 51.07
C MSE A 3 -56.20 -5.40 52.04
O MSE A 3 -55.93 -5.48 53.23
CB MSE A 3 -55.44 -3.26 51.04
CG MSE A 3 -54.35 -2.49 50.35
SE MSE A 3 -55.19 -1.01 49.46
CE MSE A 3 -56.61 -2.03 48.59
N SER A 4 -57.34 -5.83 51.54
CA SER A 4 -58.28 -6.48 52.40
C SER A 4 -57.58 -7.76 52.80
N ARG A 5 -56.92 -8.36 51.81
CA ARG A 5 -56.19 -9.60 51.96
C ARG A 5 -54.71 -9.46 52.30
N ASN A 6 -54.24 -8.23 52.45
CA ASN A 6 -52.83 -8.02 52.78
C ASN A 6 -52.49 -8.42 54.21
N ASP A 7 -51.34 -9.06 54.40
CA ASP A 7 -50.88 -9.47 55.71
C ASP A 7 -50.65 -8.26 56.63
N LYS A 8 -50.40 -7.11 56.03
CA LYS A 8 -50.10 -5.91 56.79
C LYS A 8 -51.36 -5.26 57.35
N GLU A 9 -51.21 -4.58 58.47
CA GLU A 9 -52.30 -3.82 59.08
C GLU A 9 -52.93 -2.89 58.04
N PRO A 10 -54.21 -2.56 58.20
CA PRO A 10 -54.88 -1.65 57.26
C PRO A 10 -54.25 -0.26 57.26
N PHE A 11 -54.13 0.32 56.07
CA PHE A 11 -53.69 1.71 55.96
C PHE A 11 -54.70 2.47 55.12
N PHE A 12 -54.59 3.79 55.14
CA PHE A 12 -55.53 4.63 54.40
C PHE A 12 -55.04 4.88 52.98
N VAL A 13 -55.89 4.60 52.01
CA VAL A 13 -55.59 4.85 50.61
C VAL A 13 -56.36 6.08 50.15
N LYS A 14 -55.64 7.08 49.63
CA LYS A 14 -56.23 8.38 49.34
C LYS A 14 -56.03 8.80 47.90
N PHE A 15 -57.10 8.75 47.10
CA PHE A 15 -57.03 9.17 45.72
C PHE A 15 -57.06 10.69 45.60
N LEU A 16 -56.40 11.21 44.58
CA LEU A 16 -56.32 12.65 44.40
C LEU A 16 -57.14 13.09 43.19
N LYS A 17 -58.20 13.85 43.45
CA LYS A 17 -59.03 14.33 42.35
C LYS A 17 -58.55 15.68 41.84
N SER A 18 -57.59 15.59 40.93
CA SER A 18 -56.94 16.70 40.25
C SER A 18 -57.82 17.38 39.21
N SER A 19 -58.62 16.54 38.55
CA SER A 19 -59.50 16.95 37.49
C SER A 19 -58.58 16.69 36.31
N ASP A 20 -57.32 16.41 36.65
CA ASP A 20 -56.26 16.10 35.71
C ASP A 20 -56.10 14.59 35.73
N ASN A 21 -56.91 13.94 36.56
CA ASN A 21 -56.93 12.50 36.72
C ASN A 21 -57.65 11.91 35.53
N SER A 22 -57.02 10.92 34.91
CA SER A 22 -57.56 10.25 33.73
C SER A 22 -58.53 9.12 34.01
N LYS A 23 -58.89 8.42 32.95
CA LYS A 23 -59.80 7.30 33.02
C LYS A 23 -59.17 6.25 33.90
N CYS A 24 -57.87 6.00 33.72
CA CYS A 24 -57.18 5.01 34.54
C CYS A 24 -57.49 5.24 36.01
N PHE A 25 -57.72 6.50 36.35
CA PHE A 25 -58.01 6.89 37.72
C PHE A 25 -59.27 6.19 38.23
N PHE A 26 -60.37 6.37 37.51
CA PHE A 26 -61.64 5.78 37.92
C PHE A 26 -61.55 4.26 37.90
N LYS A 27 -60.87 3.70 36.90
CA LYS A 27 -60.69 2.26 36.81
C LYS A 27 -60.00 1.73 38.06
N ALA A 28 -58.96 2.43 38.51
CA ALA A 28 -58.24 2.06 39.73
C ALA A 28 -59.19 2.03 40.93
N LEU A 29 -59.95 3.11 41.10
CA LEU A 29 -60.88 3.24 42.20
C LEU A 29 -61.89 2.09 42.23
N GLU A 30 -62.55 1.83 41.10
CA GLU A 30 -63.53 0.76 41.05
C GLU A 30 -62.91 -0.59 41.44
N SER A 31 -61.72 -0.85 40.93
CA SER A 31 -61.08 -2.14 41.08
C SER A 31 -60.49 -2.36 42.47
N ILE A 32 -60.21 -1.26 43.17
CA ILE A 32 -59.57 -1.35 44.48
C ILE A 32 -60.58 -1.73 45.54
N LYS A 33 -61.80 -1.24 45.37
CA LYS A 33 -62.88 -1.43 46.33
C LYS A 33 -63.20 -2.89 46.52
N GLU A 34 -62.76 -3.72 45.57
CA GLU A 34 -63.02 -5.15 45.68
C GLU A 34 -62.15 -5.79 46.75
N PHE A 35 -61.20 -5.02 47.28
CA PHE A 35 -60.30 -5.52 48.31
C PHE A 35 -60.07 -4.45 49.38
N GLN A 36 -60.88 -3.40 49.38
CA GLN A 36 -60.71 -2.35 50.37
C GLN A 36 -62.02 -1.83 50.94
N SER A 37 -62.06 -1.67 52.25
CA SER A 37 -63.22 -1.12 52.94
C SER A 37 -63.35 0.37 52.62
N GLU A 38 -64.53 0.79 52.18
CA GLU A 38 -64.77 2.20 51.85
C GLU A 38 -64.26 3.13 52.95
N GLU A 39 -64.26 2.64 54.19
CA GLU A 39 -63.80 3.43 55.32
C GLU A 39 -62.33 3.80 55.19
N TYR A 40 -61.51 2.81 54.85
CA TYR A 40 -60.07 3.02 54.67
C TYR A 40 -59.77 3.44 53.24
N LEU A 41 -60.79 3.95 52.56
CA LEU A 41 -60.66 4.47 51.22
C LEU A 41 -61.16 5.92 51.21
N GLN A 42 -60.22 6.86 51.21
CA GLN A 42 -60.56 8.28 51.25
C GLN A 42 -60.42 8.87 49.86
N ILE A 43 -60.91 10.09 49.69
CA ILE A 43 -60.65 10.85 48.47
C ILE A 43 -60.28 12.28 48.84
N ILE A 44 -59.19 12.78 48.26
CA ILE A 44 -58.65 14.07 48.65
C ILE A 44 -58.55 15.03 47.48
N THR A 45 -58.60 16.31 47.80
CA THR A 45 -58.47 17.40 46.85
C THR A 45 -57.12 18.04 47.11
N GLU A 46 -56.72 18.97 46.26
CA GLU A 46 -55.43 19.59 46.43
C GLU A 46 -55.28 20.33 47.75
N GLU A 47 -56.29 21.08 48.16
CA GLU A 47 -56.18 21.80 49.43
C GLU A 47 -56.06 20.83 50.59
N GLU A 48 -56.85 19.77 50.58
CA GLU A 48 -56.79 18.77 51.63
C GLU A 48 -55.42 18.11 51.66
N ALA A 49 -54.85 17.91 50.47
CA ALA A 49 -53.57 17.23 50.33
C ALA A 49 -52.44 18.11 50.82
N LEU A 50 -52.58 19.42 50.64
CA LEU A 50 -51.58 20.37 51.10
C LEU A 50 -51.66 20.53 52.62
N LYS A 51 -52.85 20.33 53.18
CA LYS A 51 -53.04 20.38 54.61
C LYS A 51 -52.15 19.36 55.33
N ILE A 52 -51.83 18.28 54.63
CA ILE A 52 -51.01 17.21 55.20
C ILE A 52 -49.54 17.63 55.24
N LYS A 53 -49.09 18.09 56.40
CA LYS A 53 -47.74 18.62 56.52
C LYS A 53 -46.76 17.63 57.15
N GLU A 54 -47.13 16.35 57.18
CA GLU A 54 -46.26 15.31 57.69
C GLU A 54 -46.44 14.01 56.90
N ASN A 55 -45.56 13.04 57.12
CA ASN A 55 -45.66 11.75 56.46
C ASN A 55 -46.73 10.85 57.08
N ASP A 56 -47.87 10.76 56.42
CA ASP A 56 -49.02 10.05 56.98
C ASP A 56 -48.85 8.53 56.97
N ARG A 57 -47.90 8.04 56.19
CA ARG A 57 -47.70 6.60 56.04
C ARG A 57 -48.91 5.98 55.35
N SER A 58 -49.74 6.85 54.76
CA SER A 58 -50.86 6.43 53.95
C SER A 58 -50.43 6.31 52.50
N LEU A 59 -51.18 5.55 51.71
CA LEU A 59 -50.88 5.36 50.29
C LEU A 59 -51.61 6.40 49.45
N TYR A 60 -50.85 7.19 48.69
CA TYR A 60 -51.44 8.22 47.84
C TYR A 60 -51.42 7.82 46.37
N ILE A 61 -52.52 8.09 45.68
CA ILE A 61 -52.66 7.74 44.27
C ILE A 61 -52.78 9.00 43.42
N CYS A 62 -51.71 9.34 42.70
CA CYS A 62 -51.68 10.53 41.88
C CYS A 62 -51.27 10.38 40.44
N ASP A 63 -52.04 11.03 39.58
CA ASP A 63 -51.77 11.05 38.17
C ASP A 63 -52.13 12.49 37.79
N PRO A 64 -51.23 13.26 37.18
CA PRO A 64 -49.86 12.90 36.83
C PRO A 64 -48.88 13.02 37.99
N PHE A 65 -47.71 12.44 37.82
CA PHE A 65 -46.68 12.49 38.83
C PHE A 65 -46.02 13.83 38.66
N SER A 66 -46.84 14.88 38.76
CA SER A 66 -46.37 16.25 38.63
C SER A 66 -47.40 17.23 39.16
N GLY A 67 -46.98 18.46 39.43
CA GLY A 67 -47.86 19.49 39.91
C GLY A 67 -47.58 19.83 41.36
N VAL A 68 -48.28 20.83 41.90
CA VAL A 68 -48.01 21.29 43.25
C VAL A 68 -48.32 20.21 44.29
N VAL A 69 -49.38 19.45 44.04
CA VAL A 69 -49.83 18.46 45.01
C VAL A 69 -48.87 17.26 45.08
N PHE A 70 -48.35 16.84 43.93
CA PHE A 70 -47.44 15.70 43.88
C PHE A 70 -46.06 16.03 44.43
N ASP A 71 -45.50 17.15 43.97
CA ASP A 71 -44.21 17.61 44.47
C ASP A 71 -44.26 17.69 45.98
N HIS A 72 -45.36 18.23 46.50
CA HIS A 72 -45.53 18.39 47.94
C HIS A 72 -45.43 17.06 48.67
N LEU A 73 -46.36 16.14 48.37
CA LEU A 73 -46.36 14.83 48.99
C LEU A 73 -45.00 14.14 48.89
N LYS A 74 -44.39 14.18 47.71
CA LYS A 74 -43.11 13.51 47.48
C LYS A 74 -41.97 14.17 48.26
N LYS A 75 -42.12 15.46 48.52
CA LYS A 75 -41.12 16.20 49.29
C LYS A 75 -41.07 15.68 50.72
N LEU A 76 -42.23 15.25 51.21
CA LEU A 76 -42.34 14.65 52.53
C LEU A 76 -41.82 13.22 52.47
N GLY A 77 -41.93 12.60 51.30
CA GLY A 77 -41.45 11.25 51.10
C GLY A 77 -42.48 10.21 51.44
N CYS A 78 -43.74 10.55 51.25
CA CYS A 78 -44.86 9.66 51.52
C CYS A 78 -45.04 8.67 50.37
N ARG A 79 -45.64 7.51 50.65
CA ARG A 79 -45.86 6.52 49.61
C ARG A 79 -46.79 7.05 48.57
N ILE A 80 -46.37 6.98 47.32
CA ILE A 80 -47.21 7.45 46.22
C ILE A 80 -47.11 6.52 45.04
N VAL A 81 -48.25 6.20 44.45
CA VAL A 81 -48.28 5.37 43.24
C VAL A 81 -49.29 5.91 42.22
N GLY A 82 -49.10 5.53 40.96
CA GLY A 82 -50.05 5.91 39.92
C GLY A 82 -51.18 4.91 39.87
N PRO A 83 -52.32 5.32 39.32
CA PRO A 83 -53.53 4.50 39.16
C PRO A 83 -53.25 3.13 38.54
N GLN A 84 -52.22 3.08 37.70
CA GLN A 84 -51.89 1.85 37.00
C GLN A 84 -51.30 0.81 37.96
N VAL A 85 -50.60 1.26 38.99
CA VAL A 85 -50.09 0.32 39.99
C VAL A 85 -51.26 -0.41 40.64
N VAL A 86 -52.25 0.35 41.09
CA VAL A 86 -53.44 -0.21 41.73
C VAL A 86 -54.09 -1.26 40.84
N ILE A 87 -54.39 -0.86 39.61
CA ILE A 87 -55.02 -1.74 38.63
C ILE A 87 -54.23 -3.03 38.46
N PHE A 88 -52.93 -2.88 38.25
CA PHE A 88 -52.04 -4.02 38.09
C PHE A 88 -52.00 -4.91 39.34
N CYS A 89 -51.96 -4.27 40.51
CA CYS A 89 -51.86 -5.01 41.76
C CYS A 89 -53.18 -5.71 42.16
N MSE A 90 -54.30 -5.04 42.01
CA MSE A 90 -55.59 -5.70 42.24
C MSE A 90 -55.71 -6.85 41.27
O MSE A 90 -55.88 -8.00 41.67
CB MSE A 90 -56.76 -4.73 42.09
CG MSE A 90 -56.69 -3.48 42.94
SE MSE A 90 -55.90 -3.80 44.70
CE MSE A 90 -57.00 -5.29 45.18
N HIS A 91 -55.62 -6.54 39.97
CA HIS A 91 -55.84 -7.55 38.94
C HIS A 91 -54.95 -8.79 39.08
N HIS A 92 -53.70 -8.57 39.45
CA HIS A 92 -52.76 -9.67 39.64
C HIS A 92 -52.82 -10.21 41.05
N GLN A 93 -53.70 -9.66 41.87
CA GLN A 93 -53.87 -10.10 43.24
C GLN A 93 -52.62 -10.07 44.12
N ARG A 94 -51.87 -8.98 44.05
CA ARG A 94 -50.68 -8.83 44.86
C ARG A 94 -50.70 -7.47 45.55
N CYS A 95 -50.09 -7.35 46.72
CA CYS A 95 -50.04 -6.08 47.41
C CYS A 95 -49.16 -5.05 46.69
N VAL A 96 -49.52 -3.78 46.81
CA VAL A 96 -48.74 -2.71 46.23
C VAL A 96 -47.36 -2.64 46.90
N PRO A 97 -46.31 -2.44 46.09
CA PRO A 97 -44.94 -2.35 46.59
C PRO A 97 -44.79 -1.17 47.53
N ARG A 98 -43.94 -1.27 48.54
CA ARG A 98 -43.78 -0.13 49.42
C ARG A 98 -43.16 0.92 48.54
N ALA A 99 -43.73 2.11 48.53
CA ALA A 99 -43.19 3.16 47.69
C ALA A 99 -42.08 3.93 48.37
N GLU A 100 -40.87 3.38 48.32
CA GLU A 100 -39.76 4.07 48.93
C GLU A 100 -39.72 5.35 48.12
N HIS A 101 -39.98 5.20 46.84
CA HIS A 101 -40.00 6.30 45.89
C HIS A 101 -41.31 6.18 45.12
N PRO A 102 -41.80 7.30 44.57
CA PRO A 102 -43.07 7.22 43.85
C PRO A 102 -42.97 6.18 42.74
N VAL A 103 -44.01 5.37 42.57
CA VAL A 103 -44.06 4.39 41.49
C VAL A 103 -45.27 4.65 40.62
N TYR A 104 -45.02 5.01 39.36
CA TYR A 104 -46.08 5.30 38.40
C TYR A 104 -46.85 4.11 37.84
N ASN A 105 -46.11 3.08 37.49
CA ASN A 105 -46.66 1.86 36.92
C ASN A 105 -45.73 0.68 37.13
N MSE A 106 -46.18 -0.49 36.74
CA MSE A 106 -45.43 -1.73 36.90
C MSE A 106 -44.87 -2.35 35.63
O MSE A 106 -44.66 -3.54 35.60
CB MSE A 106 -46.29 -2.75 37.60
CG MSE A 106 -46.83 -2.29 38.91
SE MSE A 106 -45.44 -2.18 40.19
CE MSE A 106 -45.35 -4.01 40.72
N VAL A 107 -44.65 -1.56 34.60
CA VAL A 107 -44.14 -2.05 33.32
C VAL A 107 -42.82 -2.80 33.49
N MSE A 108 -41.94 -2.29 34.36
CA MSE A 108 -40.66 -2.94 34.60
C MSE A 108 -40.63 -3.68 35.93
O MSE A 108 -39.58 -3.82 36.56
CB MSE A 108 -39.53 -1.92 34.53
CG MSE A 108 -39.52 -1.10 33.26
SE MSE A 108 -37.86 -0.10 33.03
CE MSE A 108 -36.65 -1.62 33.06
N SER A 109 -41.79 -4.16 36.35
CA SER A 109 -41.93 -4.81 37.64
C SER A 109 -40.80 -5.80 37.92
N ASP A 110 -40.62 -6.80 37.07
CA ASP A 110 -39.65 -7.85 37.36
C ASP A 110 -38.20 -7.57 36.93
N VAL A 111 -37.88 -6.30 36.65
CA VAL A 111 -36.55 -5.96 36.14
C VAL A 111 -35.66 -5.27 37.18
N THR A 112 -34.42 -5.74 37.29
CA THR A 112 -33.43 -5.13 38.19
C THR A 112 -32.17 -4.71 37.46
N ILE A 113 -31.98 -3.40 37.34
CA ILE A 113 -30.91 -2.86 36.51
C ILE A 113 -29.73 -2.33 37.31
N SER A 114 -28.58 -2.26 36.64
CA SER A 114 -27.43 -1.54 37.18
C SER A 114 -26.78 -0.84 36.00
N CYS A 115 -26.06 0.24 36.28
CA CYS A 115 -25.53 1.06 35.22
C CYS A 115 -24.01 1.11 35.15
N THR A 116 -23.51 1.43 33.96
CA THR A 116 -22.08 1.56 33.70
C THR A 116 -21.83 2.50 32.53
N SER A 117 -20.72 3.22 32.57
CA SER A 117 -20.34 4.14 31.50
C SER A 117 -21.37 5.16 31.05
N LEU A 118 -22.00 5.87 31.99
CA LEU A 118 -23.01 6.85 31.62
C LEU A 118 -22.87 8.23 32.23
N GLU A 119 -23.15 9.27 31.44
CA GLU A 119 -23.12 10.62 31.98
C GLU A 119 -23.93 10.64 33.28
N LYS A 120 -23.53 11.48 34.22
CA LYS A 120 -24.24 11.54 35.50
C LYS A 120 -25.70 11.88 35.32
N GLU A 121 -26.00 12.77 34.37
CA GLU A 121 -27.36 13.17 34.10
C GLU A 121 -28.16 12.02 33.51
N LYS A 122 -27.50 11.19 32.70
CA LYS A 122 -28.15 10.04 32.09
C LYS A 122 -28.51 8.98 33.13
N ARG A 123 -27.51 8.52 33.88
CA ARG A 123 -27.72 7.52 34.92
C ARG A 123 -28.85 7.93 35.86
N GLU A 124 -28.76 9.14 36.38
CA GLU A 124 -29.81 9.66 37.25
C GLU A 124 -31.17 9.52 36.57
N GLU A 125 -31.23 9.94 35.31
CA GLU A 125 -32.47 9.88 34.56
C GLU A 125 -32.92 8.44 34.36
N VAL A 126 -31.97 7.54 34.21
CA VAL A 126 -32.27 6.13 34.02
C VAL A 126 -32.85 5.52 35.30
N HIS A 127 -32.30 5.92 36.44
CA HIS A 127 -32.81 5.45 37.72
C HIS A 127 -34.23 5.96 37.95
N LYS A 128 -34.48 7.22 37.64
CA LYS A 128 -35.81 7.77 37.84
C LYS A 128 -36.87 7.00 37.06
N TYR A 129 -36.61 6.75 35.77
CA TYR A 129 -37.57 6.07 34.93
C TYR A 129 -37.83 4.64 35.40
N VAL A 130 -36.77 3.93 35.75
CA VAL A 130 -36.88 2.53 36.11
C VAL A 130 -37.70 2.35 37.39
N GLN A 131 -37.37 3.17 38.39
CA GLN A 131 -38.10 3.15 39.63
C GLN A 131 -39.57 3.51 39.44
N MSE A 132 -39.84 4.42 38.52
CA MSE A 132 -41.22 4.82 38.25
C MSE A 132 -41.99 3.74 37.49
O MSE A 132 -43.23 3.71 37.56
CB MSE A 132 -41.27 6.13 37.49
CG MSE A 132 -41.18 7.34 38.40
SE MSE A 132 -41.17 8.97 37.37
CE MSE A 132 -42.93 8.83 36.55
N MSE A 133 -41.29 2.88 36.78
CA MSE A 133 -41.93 1.81 36.04
C MSE A 133 -41.92 0.51 36.85
O MSE A 133 -42.29 -0.55 36.33
CB MSE A 133 -41.28 1.62 34.68
CG MSE A 133 -41.62 2.73 33.69
SE MSE A 133 -41.08 2.30 31.88
CE MSE A 133 -39.21 2.79 32.05
N GLY A 134 -41.50 0.61 38.10
CA GLY A 134 -41.60 -0.52 39.02
C GLY A 134 -40.38 -1.41 39.14
N GLY A 135 -39.24 -0.96 38.61
CA GLY A 135 -38.02 -1.75 38.67
C GLY A 135 -37.17 -1.47 39.90
N ARG A 136 -36.13 -2.28 40.10
CA ARG A 136 -35.16 -2.03 41.15
C ARG A 136 -33.86 -1.54 40.53
N VAL A 137 -33.03 -0.92 41.35
CA VAL A 137 -31.76 -0.38 40.87
C VAL A 137 -30.67 -0.63 41.91
N TYR A 138 -29.67 -1.42 41.53
CA TYR A 138 -28.50 -1.63 42.37
C TYR A 138 -27.30 -0.82 41.87
N ARG A 139 -26.77 0.04 42.74
CA ARG A 139 -25.59 0.83 42.41
C ARG A 139 -24.47 -0.10 41.95
N ASP A 140 -24.26 -1.17 42.72
CA ASP A 140 -23.27 -2.18 42.38
C ASP A 140 -23.95 -3.37 41.74
N LEU A 141 -23.18 -4.17 41.02
CA LEU A 141 -23.72 -5.33 40.34
C LEU A 141 -23.84 -6.55 41.27
N ASN A 142 -24.83 -7.38 41.01
CA ASN A 142 -24.93 -8.68 41.66
C ASN A 142 -25.81 -9.62 40.85
N VAL A 143 -25.87 -10.87 41.27
CA VAL A 143 -26.60 -11.90 40.53
C VAL A 143 -28.10 -11.57 40.34
N SER A 144 -28.65 -10.75 41.22
CA SER A 144 -30.06 -10.38 41.13
C SER A 144 -30.35 -9.55 39.89
N VAL A 145 -29.33 -8.84 39.41
CA VAL A 145 -29.48 -7.93 38.30
C VAL A 145 -29.89 -8.66 37.02
N THR A 146 -30.97 -8.20 36.39
CA THR A 146 -31.50 -8.85 35.21
C THR A 146 -31.00 -8.21 33.92
N HIS A 147 -30.63 -6.93 34.01
CA HIS A 147 -30.21 -6.18 32.85
C HIS A 147 -29.20 -5.11 33.24
N LEU A 148 -28.09 -5.04 32.51
CA LEU A 148 -27.13 -3.96 32.71
C LEU A 148 -27.29 -2.87 31.65
N ILE A 149 -27.31 -1.62 32.08
CA ILE A 149 -27.46 -0.50 31.17
C ILE A 149 -26.11 0.15 30.94
N ALA A 150 -25.67 0.19 29.69
CA ALA A 150 -24.33 0.66 29.34
C ALA A 150 -24.37 1.73 28.26
N GLY A 151 -23.49 2.72 28.38
CA GLY A 151 -23.37 3.77 27.38
C GLY A 151 -22.22 3.46 26.46
N GLU A 152 -21.28 2.68 26.97
CA GLU A 152 -20.14 2.23 26.21
C GLU A 152 -19.69 0.89 26.75
N VAL A 153 -18.76 0.25 26.05
CA VAL A 153 -18.23 -1.03 26.48
C VAL A 153 -16.89 -0.83 27.19
N GLY A 154 -16.48 -1.84 27.97
CA GLY A 154 -15.13 -1.85 28.51
C GLY A 154 -14.94 -1.83 30.02
N SER A 155 -15.84 -1.17 30.75
CA SER A 155 -15.67 -1.05 32.21
C SER A 155 -15.65 -2.40 32.93
N LYS A 156 -15.11 -2.40 34.15
CA LYS A 156 -15.05 -3.61 34.95
C LYS A 156 -16.43 -4.25 35.15
N LYS A 157 -17.44 -3.42 35.38
CA LYS A 157 -18.80 -3.92 35.53
C LYS A 157 -19.31 -4.54 34.23
N TYR A 158 -19.01 -3.88 33.11
CA TYR A 158 -19.35 -4.40 31.79
C TYR A 158 -18.80 -5.81 31.58
N LEU A 159 -17.55 -6.04 31.97
CA LEU A 159 -16.93 -7.35 31.77
C LEU A 159 -17.55 -8.42 32.69
N VAL A 160 -17.80 -8.06 33.95
CA VAL A 160 -18.48 -8.97 34.87
C VAL A 160 -19.85 -9.36 34.34
N ALA A 161 -20.65 -8.36 33.97
CA ALA A 161 -21.97 -8.63 33.38
C ALA A 161 -21.84 -9.58 32.21
N ALA A 162 -20.83 -9.34 31.38
CA ALA A 162 -20.61 -10.11 30.17
C ALA A 162 -20.19 -11.54 30.46
N ASN A 163 -19.42 -11.74 31.53
CA ASN A 163 -19.02 -13.09 31.91
C ASN A 163 -20.21 -13.86 32.44
N LEU A 164 -21.11 -13.16 33.12
CA LEU A 164 -22.32 -13.77 33.66
C LEU A 164 -23.39 -13.89 32.59
N LYS A 165 -23.02 -13.49 31.37
CA LYS A 165 -23.94 -13.58 30.24
C LYS A 165 -25.26 -12.85 30.51
N LYS A 166 -25.20 -11.71 31.19
CA LYS A 166 -26.39 -10.92 31.40
C LYS A 166 -26.58 -9.91 30.27
N PRO A 167 -27.83 -9.57 29.96
CA PRO A 167 -28.15 -8.59 28.91
C PRO A 167 -27.51 -7.24 29.16
N ILE A 168 -26.73 -6.78 28.20
CA ILE A 168 -26.15 -5.44 28.28
C ILE A 168 -26.82 -4.56 27.23
N LEU A 169 -27.55 -3.56 27.68
CA LEU A 169 -28.42 -2.78 26.80
C LEU A 169 -28.16 -1.28 26.90
N LEU A 170 -28.63 -0.57 25.88
CA LEU A 170 -28.46 0.87 25.80
C LEU A 170 -29.55 1.58 26.58
N PRO A 171 -29.27 2.81 27.01
CA PRO A 171 -30.23 3.63 27.77
C PRO A 171 -31.49 3.89 26.96
N SER A 172 -31.43 3.63 25.66
CA SER A 172 -32.56 3.85 24.76
C SER A 172 -33.70 2.89 25.05
N TRP A 173 -33.34 1.73 25.60
CA TRP A 173 -34.30 0.72 26.01
C TRP A 173 -35.24 1.29 27.07
N ILE A 174 -34.65 1.90 28.08
CA ILE A 174 -35.41 2.52 29.16
C ILE A 174 -36.25 3.67 28.61
N LYS A 175 -35.62 4.54 27.83
CA LYS A 175 -36.31 5.67 27.23
C LYS A 175 -37.50 5.18 26.43
N THR A 176 -37.29 4.14 25.62
CA THR A 176 -38.34 3.65 24.74
C THR A 176 -39.47 2.99 25.53
N LEU A 177 -39.10 2.31 26.61
CA LEU A 177 -40.09 1.67 27.46
C LEU A 177 -41.03 2.70 28.05
N TRP A 178 -40.47 3.83 28.47
CA TRP A 178 -41.26 4.86 29.13
C TRP A 178 -42.12 5.62 28.14
N GLU A 179 -41.61 5.80 26.94
CA GLU A 179 -42.34 6.51 25.91
C GLU A 179 -43.57 5.72 25.46
N LYS A 180 -43.36 4.44 25.16
CA LYS A 180 -44.45 3.57 24.72
C LYS A 180 -45.40 3.23 25.87
N SER A 181 -44.92 3.48 27.08
CA SER A 181 -45.71 3.29 28.28
C SER A 181 -46.76 4.40 28.37
N GLN A 182 -46.31 5.64 28.36
CA GLN A 182 -47.21 6.79 28.39
C GLN A 182 -48.14 6.82 27.18
N GLU A 183 -47.60 6.53 26.00
CA GLU A 183 -48.39 6.51 24.77
C GLU A 183 -49.36 5.33 24.75
N LYS A 184 -49.35 4.54 25.82
CA LYS A 184 -50.25 3.41 25.95
C LYS A 184 -50.11 2.42 24.80
N LYS A 185 -48.89 2.26 24.31
CA LYS A 185 -48.61 1.23 23.31
C LYS A 185 -48.11 -0.03 23.99
N ILE A 186 -47.66 0.12 25.23
CA ILE A 186 -47.09 -0.98 25.99
C ILE A 186 -47.63 -1.20 27.39
N THR A 187 -47.70 -2.46 27.78
CA THR A 187 -48.19 -2.84 29.11
C THR A 187 -47.10 -3.49 29.97
N ARG A 188 -46.13 -4.14 29.33
CA ARG A 188 -45.05 -4.82 30.04
C ARG A 188 -43.72 -4.57 29.35
N TYR A 189 -42.62 -4.70 30.07
CA TYR A 189 -41.31 -4.46 29.46
C TYR A 189 -40.97 -5.50 28.39
N THR A 190 -41.67 -6.64 28.43
CA THR A 190 -41.40 -7.72 27.50
C THR A 190 -42.06 -7.46 26.15
N ASP A 191 -42.74 -6.33 26.04
CA ASP A 191 -43.46 -5.97 24.82
C ASP A 191 -42.55 -5.55 23.67
N ILE A 192 -41.58 -4.69 23.94
CA ILE A 192 -40.61 -4.30 22.92
C ILE A 192 -39.50 -5.33 22.82
N ASN A 193 -38.93 -5.46 21.62
CA ASN A 193 -37.84 -6.42 21.41
C ASN A 193 -36.53 -5.92 22.02
N MSE A 194 -35.98 -6.71 22.92
CA MSE A 194 -34.79 -6.35 23.68
C MSE A 194 -33.55 -6.31 22.77
O MSE A 194 -32.69 -5.44 22.92
CB MSE A 194 -34.61 -7.35 24.80
CG MSE A 194 -33.71 -6.91 25.90
SE MSE A 194 -33.19 -8.47 26.93
CE MSE A 194 -32.06 -9.32 25.58
N GLU A 195 -33.46 -7.25 21.84
CA GLU A 195 -32.36 -7.33 20.89
C GLU A 195 -32.09 -6.00 20.20
N ASP A 196 -33.14 -5.24 19.95
CA ASP A 196 -33.03 -3.99 19.21
C ASP A 196 -32.32 -2.91 20.01
N PHE A 197 -32.05 -3.21 21.28
CA PHE A 197 -31.41 -2.23 22.14
C PHE A 197 -30.12 -2.80 22.74
N LYS A 198 -29.72 -3.95 22.21
CA LYS A 198 -28.47 -4.57 22.60
C LYS A 198 -27.30 -3.62 22.36
N CYS A 199 -26.35 -3.60 23.30
CA CYS A 199 -25.19 -2.74 23.19
C CYS A 199 -24.17 -3.32 22.22
N PRO A 200 -23.81 -2.57 21.17
CA PRO A 200 -22.81 -2.98 20.19
C PRO A 200 -21.50 -3.40 20.87
N ILE A 201 -20.90 -4.48 20.39
CA ILE A 201 -19.60 -4.93 20.91
C ILE A 201 -18.53 -3.85 20.96
N PHE A 202 -18.53 -2.92 20.01
CA PHE A 202 -17.49 -1.90 19.98
C PHE A 202 -17.95 -0.48 20.21
N LEU A 203 -19.17 -0.33 20.70
CA LEU A 203 -19.69 0.99 21.02
C LEU A 203 -18.68 1.79 21.83
N GLY A 204 -18.33 2.97 21.36
CA GLY A 204 -17.41 3.84 22.06
C GLY A 204 -15.96 3.60 21.67
N CYS A 205 -15.72 2.52 20.94
CA CYS A 205 -14.38 2.16 20.51
C CYS A 205 -14.03 2.81 19.17
N ILE A 206 -12.94 3.57 19.16
CA ILE A 206 -12.41 4.10 17.93
C ILE A 206 -11.12 3.34 17.65
N ILE A 207 -11.14 2.55 16.57
CA ILE A 207 -10.08 1.60 16.30
C ILE A 207 -9.15 2.04 15.17
N CYS A 208 -7.84 1.93 15.42
CA CYS A 208 -6.81 2.13 14.42
C CYS A 208 -5.99 0.87 14.28
N VAL A 209 -5.29 0.77 13.17
CA VAL A 209 -4.49 -0.41 12.89
C VAL A 209 -3.13 0.03 12.39
N THR A 210 -2.13 -0.85 12.54
CA THR A 210 -0.84 -0.64 11.91
C THR A 210 -0.09 -1.97 11.83
N GLY A 211 0.77 -2.08 10.82
CA GLY A 211 1.58 -3.25 10.61
C GLY A 211 0.83 -4.45 10.08
N LEU A 212 -0.40 -4.25 9.65
CA LEU A 212 -1.23 -5.36 9.17
C LEU A 212 -1.31 -5.40 7.65
N CYS A 213 -1.40 -6.60 7.09
CA CYS A 213 -1.63 -6.73 5.65
C CYS A 213 -2.98 -6.11 5.28
N GLY A 214 -3.10 -5.71 4.01
CA GLY A 214 -4.30 -5.05 3.53
C GLY A 214 -5.59 -5.80 3.81
N LEU A 215 -5.53 -7.13 3.71
CA LEU A 215 -6.71 -7.94 3.93
C LEU A 215 -7.21 -7.86 5.37
N ASP A 216 -6.30 -8.04 6.33
CA ASP A 216 -6.67 -7.98 7.73
C ASP A 216 -7.07 -6.57 8.13
N ARG A 217 -6.44 -5.58 7.50
CA ARG A 217 -6.76 -4.19 7.81
C ARG A 217 -8.18 -3.85 7.34
N LYS A 218 -8.51 -4.24 6.12
CA LYS A 218 -9.85 -4.04 5.60
C LYS A 218 -10.88 -4.76 6.48
N GLU A 219 -10.63 -6.03 6.76
CA GLU A 219 -11.52 -6.81 7.59
C GLU A 219 -11.85 -6.11 8.91
N VAL A 220 -10.85 -5.52 9.58
CA VAL A 220 -11.15 -4.86 10.83
C VAL A 220 -11.88 -3.56 10.61
N GLN A 221 -11.68 -2.94 9.45
CA GLN A 221 -12.45 -1.75 9.11
C GLN A 221 -13.91 -2.10 8.92
N GLN A 222 -14.16 -3.12 8.11
CA GLN A 222 -15.52 -3.59 7.89
C GLN A 222 -16.20 -4.00 9.20
N LEU A 223 -15.54 -4.88 9.95
CA LEU A 223 -16.09 -5.39 11.20
C LEU A 223 -16.22 -4.35 12.31
N THR A 224 -15.29 -3.40 12.37
CA THR A 224 -15.39 -2.35 13.39
C THR A 224 -16.72 -1.62 13.24
N VAL A 225 -17.00 -1.18 12.02
CA VAL A 225 -18.20 -0.42 11.72
C VAL A 225 -19.46 -1.26 11.93
N LYS A 226 -19.38 -2.53 11.54
CA LYS A 226 -20.51 -3.44 11.64
C LYS A 226 -20.89 -3.78 13.09
N HIS A 227 -19.96 -3.60 14.02
CA HIS A 227 -20.26 -3.85 15.43
C HIS A 227 -20.22 -2.56 16.25
N GLY A 228 -20.64 -1.47 15.61
CA GLY A 228 -20.89 -0.23 16.30
C GLY A 228 -19.67 0.57 16.69
N GLY A 229 -18.49 0.13 16.26
CA GLY A 229 -17.28 0.86 16.50
C GLY A 229 -17.03 1.89 15.40
N GLN A 230 -16.04 2.75 15.63
CA GLN A 230 -15.62 3.72 14.63
C GLN A 230 -14.21 3.37 14.15
N TYR A 231 -14.03 3.29 12.85
CA TYR A 231 -12.73 2.99 12.28
C TYR A 231 -12.01 4.23 11.79
N MSE A 232 -10.72 4.35 12.12
CA MSE A 232 -9.91 5.46 11.64
C MSE A 232 -8.69 4.99 10.87
O MSE A 232 -7.95 4.11 11.34
CB MSE A 232 -9.46 6.35 12.81
CG MSE A 232 -10.59 7.09 13.50
SE MSE A 232 -11.25 8.68 12.56
CE MSE A 232 -12.58 7.87 11.40
N GLY A 233 -8.46 5.57 9.69
CA GLY A 233 -7.31 5.23 8.88
C GLY A 233 -5.98 5.67 9.48
N GLN A 234 -6.03 6.72 10.30
CA GLN A 234 -4.82 7.31 10.87
C GLN A 234 -4.95 7.51 12.37
N LEU A 235 -3.89 7.13 13.09
CA LEU A 235 -3.84 7.24 14.54
C LEU A 235 -3.73 8.70 14.97
N LYS A 236 -4.67 9.14 15.79
CA LYS A 236 -4.70 10.53 16.24
C LYS A 236 -4.99 10.56 17.74
N MSE A 237 -4.19 11.33 18.47
CA MSE A 237 -4.34 11.37 19.92
C MSE A 237 -5.63 12.09 20.29
O MSE A 237 -6.13 12.91 19.53
CB MSE A 237 -3.14 12.04 20.58
CG MSE A 237 -2.89 13.44 20.09
SE MSE A 237 -1.88 14.47 21.37
CE MSE A 237 -1.98 16.18 20.45
N ASN A 238 -6.19 11.72 21.42
CA ASN A 238 -7.42 12.32 21.92
C ASN A 238 -8.63 11.80 21.17
N GLU A 239 -8.39 10.86 20.26
CA GLU A 239 -9.46 10.26 19.49
C GLU A 239 -9.49 8.74 19.55
N CYS A 240 -8.44 8.11 19.04
CA CYS A 240 -8.36 6.65 19.01
C CYS A 240 -8.33 6.02 20.38
N THR A 241 -9.05 4.91 20.54
CA THR A 241 -9.10 4.22 21.82
C THR A 241 -8.31 2.91 21.75
N HIS A 242 -8.32 2.30 20.58
CA HIS A 242 -7.60 1.05 20.37
C HIS A 242 -6.66 1.10 19.17
N LEU A 243 -5.41 0.71 19.40
CA LEU A 243 -4.46 0.50 18.33
C LEU A 243 -4.09 -0.97 18.24
N ILE A 244 -4.64 -1.64 17.24
CA ILE A 244 -4.29 -3.04 16.97
C ILE A 244 -2.90 -3.15 16.31
N VAL A 245 -1.95 -3.75 17.01
CA VAL A 245 -0.57 -3.91 16.56
C VAL A 245 0.02 -5.20 17.12
N GLN A 246 0.71 -5.97 16.28
CA GLN A 246 1.27 -7.25 16.72
C GLN A 246 2.57 -7.10 17.50
N GLU A 247 3.36 -6.09 17.19
CA GLU A 247 4.65 -5.91 17.84
C GLU A 247 4.84 -4.54 18.48
N PRO A 248 5.59 -4.49 19.56
CA PRO A 248 5.83 -3.23 20.26
C PRO A 248 6.96 -2.44 19.62
N LYS A 249 6.76 -2.12 18.36
CA LYS A 249 7.75 -1.37 17.61
C LYS A 249 7.06 -0.40 16.67
N GLY A 250 7.77 0.63 16.28
CA GLY A 250 7.24 1.61 15.35
C GLY A 250 6.78 2.88 16.05
N GLN A 251 6.79 3.99 15.33
CA GLN A 251 6.46 5.28 15.92
C GLN A 251 5.00 5.36 16.38
N LYS A 252 4.09 4.76 15.62
CA LYS A 252 2.69 4.73 16.06
C LYS A 252 2.49 4.04 17.42
N TYR A 253 3.07 2.85 17.57
CA TYR A 253 2.95 2.10 18.80
C TYR A 253 3.44 2.88 20.03
N GLU A 254 4.60 3.48 19.89
CA GLU A 254 5.21 4.24 20.98
C GLU A 254 4.34 5.44 21.34
N CYS A 255 3.68 6.02 20.34
CA CYS A 255 2.87 7.20 20.57
C CYS A 255 1.61 6.82 21.33
N ALA A 256 0.94 5.76 20.88
CA ALA A 256 -0.26 5.25 21.54
C ALA A 256 0.03 4.86 23.00
N LYS A 257 1.05 4.01 23.19
CA LYS A 257 1.40 3.55 24.52
C LYS A 257 1.61 4.74 25.45
N ARG A 258 2.26 5.78 24.94
CA ARG A 258 2.48 7.00 25.70
C ARG A 258 1.16 7.71 26.01
N TRP A 259 0.23 7.70 25.06
CA TRP A 259 -1.02 8.43 25.22
C TRP A 259 -2.04 7.67 26.06
N ASN A 260 -1.64 6.51 26.59
CA ASN A 260 -2.54 5.64 27.33
C ASN A 260 -3.61 5.03 26.45
N VAL A 261 -3.25 4.76 25.20
CA VAL A 261 -4.14 4.10 24.27
C VAL A 261 -3.94 2.58 24.40
N HIS A 262 -5.03 1.84 24.34
CA HIS A 262 -4.93 0.38 24.33
C HIS A 262 -4.15 -0.14 23.14
N CYS A 263 -3.02 -0.76 23.41
CA CYS A 263 -2.30 -1.45 22.35
C CYS A 263 -2.48 -2.96 22.49
N VAL A 264 -3.22 -3.52 21.55
CA VAL A 264 -3.58 -4.92 21.61
C VAL A 264 -3.37 -5.62 20.28
N THR A 265 -3.34 -6.94 20.33
CA THR A 265 -3.16 -7.75 19.13
C THR A 265 -4.49 -7.86 18.44
N THR A 266 -4.48 -8.46 17.25
CA THR A 266 -5.71 -8.67 16.51
C THR A 266 -6.63 -9.59 17.30
N GLN A 267 -6.03 -10.49 18.09
CA GLN A 267 -6.79 -11.43 18.90
C GLN A 267 -7.84 -10.77 19.78
N TRP A 268 -7.55 -9.58 20.29
CA TRP A 268 -8.52 -8.86 21.07
C TRP A 268 -9.76 -8.58 20.23
N PHE A 269 -9.53 -8.00 19.06
CA PHE A 269 -10.60 -7.66 18.13
C PHE A 269 -11.45 -8.87 17.78
N PHE A 270 -10.80 -9.98 17.46
CA PHE A 270 -11.55 -11.13 16.96
C PHE A 270 -12.22 -11.95 18.05
N ASP A 271 -11.56 -12.08 19.19
CA ASP A 271 -12.19 -12.72 20.34
C ASP A 271 -13.42 -11.94 20.76
N SER A 272 -13.34 -10.61 20.66
CA SER A 272 -14.45 -9.77 21.05
C SER A 272 -15.69 -10.09 20.22
N ILE A 273 -15.49 -10.33 18.94
CA ILE A 273 -16.61 -10.68 18.07
C ILE A 273 -17.09 -12.09 18.35
N GLU A 274 -16.15 -13.01 18.50
CA GLU A 274 -16.46 -14.41 18.77
C GLU A 274 -17.19 -14.61 20.11
N LYS A 275 -16.88 -13.75 21.08
CA LYS A 275 -17.41 -13.87 22.43
C LYS A 275 -18.64 -13.00 22.66
N GLY A 276 -18.90 -12.06 21.76
CA GLY A 276 -20.08 -11.23 21.84
C GLY A 276 -19.96 -10.02 22.73
N PHE A 277 -18.76 -9.76 23.23
CA PHE A 277 -18.52 -8.52 23.96
C PHE A 277 -17.06 -8.05 23.85
N CYS A 278 -16.82 -6.79 24.19
CA CYS A 278 -15.49 -6.22 24.14
C CYS A 278 -14.60 -6.82 25.22
N GLN A 279 -13.70 -7.70 24.79
CA GLN A 279 -12.82 -8.40 25.71
C GLN A 279 -12.00 -7.42 26.53
N ASP A 280 -11.40 -7.92 27.59
CA ASP A 280 -10.53 -7.15 28.46
C ASP A 280 -9.15 -6.92 27.80
N GLU A 281 -8.79 -5.65 27.62
CA GLU A 281 -7.57 -5.28 26.89
C GLU A 281 -6.28 -5.81 27.52
N SER A 282 -6.22 -5.79 28.84
CA SER A 282 -5.04 -6.27 29.59
C SER A 282 -4.59 -7.66 29.14
N ILE A 283 -5.57 -8.51 28.80
CA ILE A 283 -5.28 -9.89 28.42
C ILE A 283 -4.58 -9.94 27.07
N TYR A 284 -4.58 -8.82 26.35
CA TYR A 284 -4.13 -8.78 24.96
C TYR A 284 -3.06 -7.72 24.65
N LYS A 285 -2.34 -7.24 25.65
CA LYS A 285 -1.34 -6.18 25.43
C LYS A 285 -0.30 -6.57 24.37
N THR A 286 0.01 -5.63 23.50
CA THR A 286 1.05 -5.80 22.49
C THR A 286 2.39 -6.11 23.17
N GLU A 287 2.67 -5.40 24.25
CA GLU A 287 3.85 -5.72 25.05
C GLU A 287 3.43 -6.42 26.34
N PRO A 288 3.49 -7.76 26.33
CA PRO A 288 3.05 -8.63 27.44
C PRO A 288 3.78 -8.31 28.74
N ARG A 289 5.10 -8.17 28.65
CA ARG A 289 5.91 -8.01 29.84
C ARG A 289 5.75 -6.63 30.44
N PRO A 290 5.72 -6.56 31.78
CA PRO A 290 5.74 -5.27 32.46
C PRO A 290 6.90 -4.48 31.90
N GLU A 291 8.09 -5.08 32.00
CA GLU A 291 9.31 -4.58 31.37
C GLU A 291 10.50 -5.42 31.84
N GLY B 1 18.94 -18.36 15.54
CA GLY B 1 20.09 -17.82 14.83
C GLY B 1 20.74 -18.81 13.88
N PRO B 2 21.87 -19.38 14.28
CA PRO B 2 22.69 -20.28 13.46
C PRO B 2 22.01 -21.63 13.17
N MSE B 3 20.96 -21.94 13.90
CA MSE B 3 20.30 -23.23 13.77
C MSE B 3 19.08 -23.19 12.85
O MSE B 3 18.49 -24.22 12.55
CB MSE B 3 19.87 -23.74 15.15
CG MSE B 3 21.00 -24.21 16.04
SE MSE B 3 21.25 -26.14 15.90
CE MSE B 3 22.14 -26.40 17.61
N SER B 4 18.73 -21.99 12.38
CA SER B 4 17.57 -21.83 11.50
C SER B 4 17.87 -22.37 10.10
N ARG B 5 16.83 -22.84 9.42
CA ARG B 5 16.98 -23.57 8.16
C ARG B 5 17.66 -22.76 7.05
N ASN B 6 17.37 -21.47 6.94
CA ASN B 6 17.99 -20.68 5.90
C ASN B 6 19.21 -19.91 6.36
N ASP B 7 19.10 -19.22 7.49
CA ASP B 7 20.21 -18.46 8.04
C ASP B 7 21.03 -19.35 8.98
N LYS B 8 21.69 -20.36 8.45
CA LYS B 8 22.48 -21.23 9.32
C LYS B 8 23.96 -20.94 9.26
N GLU B 9 24.52 -20.72 10.45
CA GLU B 9 25.94 -20.40 10.61
C GLU B 9 26.49 -21.10 11.86
N PRO B 10 27.80 -20.98 12.10
CA PRO B 10 28.41 -21.59 13.29
C PRO B 10 28.25 -20.70 14.50
N PHE B 11 28.28 -21.29 15.69
CA PHE B 11 28.17 -20.51 16.92
C PHE B 11 29.25 -20.92 17.94
N PHE B 12 29.73 -19.93 18.69
CA PHE B 12 30.81 -20.14 19.64
C PHE B 12 30.34 -20.58 21.02
N VAL B 13 30.77 -21.77 21.45
CA VAL B 13 30.29 -22.33 22.70
C VAL B 13 31.43 -22.63 23.67
N LYS B 14 31.17 -22.42 24.95
CA LYS B 14 32.06 -22.90 26.00
C LYS B 14 31.38 -23.97 26.82
N PHE B 15 32.08 -25.08 27.03
CA PHE B 15 31.65 -26.13 27.96
C PHE B 15 32.42 -26.00 29.28
N LEU B 16 31.70 -25.75 30.36
CA LEU B 16 32.31 -25.68 31.69
C LEU B 16 32.54 -27.06 32.28
N LYS B 17 33.80 -27.44 32.40
CA LYS B 17 34.16 -28.75 32.95
C LYS B 17 34.12 -28.71 34.48
N SER B 18 33.65 -29.79 35.09
CA SER B 18 33.65 -29.89 36.54
C SER B 18 33.40 -31.32 37.01
N SER B 19 33.93 -31.64 38.19
CA SER B 19 33.74 -32.99 38.74
C SER B 19 32.28 -33.37 38.71
N ASP B 20 31.40 -32.37 38.77
CA ASP B 20 29.97 -32.60 38.81
C ASP B 20 29.38 -32.82 37.41
N ASN B 21 30.23 -32.77 36.38
CA ASN B 21 29.83 -33.07 35.01
C ASN B 21 29.18 -34.45 34.93
N SER B 22 28.10 -34.56 34.16
CA SER B 22 27.37 -35.82 34.06
C SER B 22 27.42 -36.45 32.67
N LYS B 23 26.82 -37.62 32.54
CA LYS B 23 26.84 -38.37 31.28
C LYS B 23 26.22 -37.56 30.17
N CYS B 24 25.21 -36.76 30.51
CA CYS B 24 24.50 -35.95 29.53
C CYS B 24 25.41 -34.84 29.00
N PHE B 25 26.30 -34.36 29.87
CA PHE B 25 27.26 -33.34 29.52
C PHE B 25 28.11 -33.77 28.32
N PHE B 26 28.53 -35.03 28.32
CA PHE B 26 29.42 -35.53 27.27
C PHE B 26 28.68 -35.93 25.99
N LYS B 27 27.38 -36.21 26.11
CA LYS B 27 26.54 -36.42 24.94
C LYS B 27 26.35 -35.11 24.18
N ALA B 28 26.29 -34.02 24.93
CA ALA B 28 26.13 -32.70 24.33
C ALA B 28 27.41 -32.26 23.61
N LEU B 29 28.55 -32.66 24.16
CA LEU B 29 29.84 -32.39 23.53
C LEU B 29 29.95 -33.02 22.15
N GLU B 30 29.35 -34.19 22.00
CA GLU B 30 29.44 -34.93 20.74
C GLU B 30 28.47 -34.39 19.70
N SER B 31 27.26 -34.05 20.12
CA SER B 31 26.27 -33.53 19.19
C SER B 31 26.80 -32.30 18.47
N ILE B 32 27.43 -31.39 19.20
CA ILE B 32 27.93 -30.15 18.61
C ILE B 32 29.06 -30.41 17.63
N LYS B 33 29.82 -31.48 17.86
CA LYS B 33 30.88 -31.88 16.95
C LYS B 33 30.31 -32.43 15.64
N GLU B 34 29.04 -32.82 15.65
CA GLU B 34 28.38 -33.28 14.43
C GLU B 34 27.74 -32.11 13.68
N PHE B 35 27.50 -31.01 14.39
CA PHE B 35 26.90 -29.83 13.77
C PHE B 35 27.93 -28.88 13.18
N GLN B 36 29.07 -28.76 13.84
CA GLN B 36 30.11 -27.82 13.45
C GLN B 36 31.47 -28.31 13.95
N SER B 37 32.52 -27.53 13.72
CA SER B 37 33.85 -27.94 14.10
C SER B 37 34.16 -27.69 15.57
N GLU B 38 34.89 -28.62 16.17
CA GLU B 38 35.38 -28.47 17.51
C GLU B 38 36.10 -27.14 17.68
N GLU B 39 36.51 -26.56 16.56
CA GLU B 39 37.20 -25.28 16.59
C GLU B 39 36.33 -24.17 17.17
N TYR B 40 35.02 -24.31 17.01
CA TYR B 40 34.07 -23.37 17.61
C TYR B 40 33.75 -23.72 19.06
N LEU B 41 34.39 -24.77 19.57
CA LEU B 41 34.08 -25.28 20.90
C LEU B 41 35.27 -25.23 21.87
N GLN B 42 35.10 -24.48 22.95
CA GLN B 42 36.13 -24.38 23.97
C GLN B 42 35.69 -24.99 25.30
N ILE B 43 36.55 -25.83 25.86
CA ILE B 43 36.33 -26.35 27.19
C ILE B 43 37.11 -25.49 28.17
N ILE B 44 36.41 -24.97 29.18
CA ILE B 44 37.02 -24.15 30.21
C ILE B 44 36.95 -24.84 31.57
N THR B 45 37.81 -24.43 32.49
CA THR B 45 37.77 -24.97 33.84
C THR B 45 37.14 -23.93 34.75
N GLU B 46 36.85 -24.33 35.98
CA GLU B 46 36.25 -23.41 36.94
C GLU B 46 37.19 -22.24 37.20
N GLU B 47 38.48 -22.52 37.25
CA GLU B 47 39.51 -21.49 37.39
C GLU B 47 39.45 -20.49 36.24
N GLU B 48 39.51 -21.01 35.01
CA GLU B 48 39.46 -20.14 33.83
C GLU B 48 38.15 -19.35 33.82
N ALA B 49 37.05 -20.05 34.08
CA ALA B 49 35.73 -19.44 34.12
C ALA B 49 35.68 -18.26 35.09
N LEU B 50 36.36 -18.39 36.22
CA LEU B 50 36.36 -17.33 37.21
C LEU B 50 37.16 -16.11 36.77
N LYS B 51 38.12 -16.30 35.87
CA LYS B 51 38.90 -15.20 35.33
C LYS B 51 38.06 -14.29 34.44
N ILE B 52 36.96 -14.84 33.93
CA ILE B 52 35.99 -14.06 33.15
C ILE B 52 35.27 -13.05 34.06
N LYS B 53 35.48 -11.77 33.81
CA LYS B 53 34.88 -10.74 34.65
C LYS B 53 33.86 -9.91 33.86
N GLU B 54 33.66 -10.30 32.61
CA GLU B 54 32.69 -9.65 31.74
C GLU B 54 32.04 -10.70 30.85
N ASN B 55 30.80 -10.43 30.43
CA ASN B 55 30.11 -11.33 29.53
C ASN B 55 30.63 -11.17 28.09
N ASP B 56 31.24 -12.22 27.56
CA ASP B 56 31.80 -12.19 26.21
C ASP B 56 30.84 -12.76 25.17
N ARG B 57 29.58 -12.91 25.57
CA ARG B 57 28.52 -13.25 24.63
C ARG B 57 28.71 -14.60 23.93
N SER B 58 29.46 -15.50 24.55
CA SER B 58 29.52 -16.87 24.07
C SER B 58 28.37 -17.64 24.69
N LEU B 59 28.06 -18.81 24.16
CA LEU B 59 27.09 -19.69 24.78
C LEU B 59 27.78 -20.64 25.76
N TYR B 60 27.32 -20.63 27.00
CA TYR B 60 27.91 -21.48 28.03
C TYR B 60 27.07 -22.70 28.29
N ILE B 61 27.73 -23.84 28.43
CA ILE B 61 27.07 -25.10 28.78
C ILE B 61 27.48 -25.48 30.19
N CYS B 62 26.51 -25.60 31.08
CA CYS B 62 26.75 -25.93 32.47
C CYS B 62 25.96 -27.09 33.04
N ASP B 63 26.66 -27.97 33.73
CA ASP B 63 26.07 -29.12 34.38
C ASP B 63 26.85 -29.29 35.68
N PRO B 64 26.22 -29.12 36.85
CA PRO B 64 24.81 -28.75 37.00
C PRO B 64 24.62 -27.25 37.10
N PHE B 65 23.38 -26.84 37.26
CA PHE B 65 23.03 -25.43 37.38
C PHE B 65 23.19 -25.01 38.83
N SER B 66 24.37 -25.19 39.38
CA SER B 66 24.64 -24.77 40.74
C SER B 66 26.13 -24.77 40.98
N GLY B 67 26.56 -24.03 41.99
CA GLY B 67 27.97 -23.98 42.33
C GLY B 67 28.54 -22.59 42.17
N VAL B 68 29.78 -22.44 42.63
CA VAL B 68 30.46 -21.15 42.61
C VAL B 68 30.56 -20.53 41.22
N VAL B 69 30.85 -21.35 40.22
CA VAL B 69 31.09 -20.84 38.88
C VAL B 69 29.81 -20.50 38.13
N PHE B 70 28.84 -21.42 38.18
CA PHE B 70 27.52 -21.19 37.62
C PHE B 70 26.91 -19.90 38.15
N ASP B 71 26.95 -19.75 39.47
CA ASP B 71 26.40 -18.55 40.08
C ASP B 71 27.14 -17.33 39.54
N HIS B 72 28.47 -17.45 39.44
CA HIS B 72 29.30 -16.37 38.91
C HIS B 72 28.93 -16.00 37.46
N LEU B 73 28.96 -16.99 36.56
CA LEU B 73 28.60 -16.75 35.17
C LEU B 73 27.17 -16.23 35.05
N LYS B 74 26.26 -16.81 35.83
CA LYS B 74 24.88 -16.39 35.83
C LYS B 74 24.78 -14.93 36.23
N LYS B 75 25.54 -14.53 37.24
CA LYS B 75 25.53 -13.14 37.71
C LYS B 75 26.14 -12.17 36.69
N LEU B 76 27.14 -12.64 35.94
CA LEU B 76 27.73 -11.85 34.87
C LEU B 76 26.69 -11.49 33.82
N GLY B 77 25.74 -12.37 33.59
CA GLY B 77 24.71 -12.17 32.60
C GLY B 77 24.89 -13.07 31.39
N CYS B 78 25.85 -13.98 31.48
CA CYS B 78 26.13 -14.91 30.39
C CYS B 78 24.92 -15.74 29.97
N ARG B 79 24.86 -16.10 28.70
CA ARG B 79 23.86 -17.05 28.21
C ARG B 79 24.26 -18.46 28.60
N ILE B 80 23.49 -19.09 29.47
CA ILE B 80 23.79 -20.43 29.93
C ILE B 80 22.65 -21.40 29.64
N VAL B 81 23.00 -22.52 29.03
CA VAL B 81 22.04 -23.62 28.83
C VAL B 81 22.65 -24.93 29.30
N GLY B 82 21.79 -25.90 29.59
CA GLY B 82 22.24 -27.21 30.00
C GLY B 82 22.44 -28.13 28.82
N PRO B 83 23.19 -29.22 29.03
CA PRO B 83 23.44 -30.27 28.04
C PRO B 83 22.18 -30.70 27.29
N GLN B 84 21.09 -30.88 28.03
CA GLN B 84 19.86 -31.39 27.44
CA GLN B 84 19.85 -31.39 27.44
C GLN B 84 19.24 -30.44 26.42
N VAL B 85 19.30 -29.14 26.70
CA VAL B 85 18.80 -28.15 25.76
C VAL B 85 19.55 -28.25 24.43
N VAL B 86 20.85 -28.51 24.49
CA VAL B 86 21.64 -28.60 23.27
C VAL B 86 21.26 -29.85 22.49
N ILE B 87 21.14 -30.97 23.19
CA ILE B 87 20.74 -32.21 22.54
C ILE B 87 19.32 -32.09 21.97
N PHE B 88 18.40 -31.55 22.77
CA PHE B 88 17.03 -31.36 22.30
C PHE B 88 16.96 -30.49 21.05
N CYS B 89 17.86 -29.52 20.93
CA CYS B 89 17.81 -28.61 19.79
C CYS B 89 18.47 -29.19 18.55
N MSE B 90 19.57 -29.93 18.76
CA MSE B 90 20.19 -30.66 17.65
C MSE B 90 19.20 -31.61 17.02
O MSE B 90 19.01 -31.64 15.81
CB MSE B 90 21.41 -31.43 18.15
CG MSE B 90 22.53 -30.56 18.70
SE MSE B 90 23.25 -29.41 17.31
CE MSE B 90 24.68 -28.56 18.31
N HIS B 91 18.54 -32.40 17.87
CA HIS B 91 17.57 -33.39 17.39
C HIS B 91 16.40 -32.75 16.67
N HIS B 92 15.80 -31.74 17.26
CA HIS B 92 14.64 -31.08 16.66
C HIS B 92 15.03 -30.10 15.56
N GLN B 93 16.32 -29.95 15.32
CA GLN B 93 16.81 -28.99 14.34
C GLN B 93 16.14 -27.63 14.55
N ARG B 94 16.11 -27.17 15.79
CA ARG B 94 15.66 -25.80 16.07
C ARG B 94 16.78 -24.99 16.72
N CYS B 95 16.53 -23.71 16.90
CA CYS B 95 17.54 -22.85 17.52
C CYS B 95 17.51 -22.95 19.03
N VAL B 96 18.70 -22.90 19.63
CA VAL B 96 18.81 -22.81 21.07
C VAL B 96 18.15 -21.51 21.51
N PRO B 97 17.37 -21.57 22.58
CA PRO B 97 16.61 -20.39 23.01
C PRO B 97 17.58 -19.31 23.46
N ARG B 98 17.19 -18.05 23.41
CA ARG B 98 18.09 -17.04 23.86
C ARG B 98 17.84 -17.12 25.34
N ALA B 99 18.88 -17.40 26.12
CA ALA B 99 18.72 -17.52 27.55
C ALA B 99 18.91 -16.26 28.36
N GLU B 100 17.85 -15.46 28.51
CA GLU B 100 17.96 -14.25 29.31
C GLU B 100 18.28 -14.79 30.67
N HIS B 101 17.64 -15.90 30.98
CA HIS B 101 17.79 -16.64 32.21
C HIS B 101 18.23 -18.03 31.82
N PRO B 102 19.09 -18.65 32.65
CA PRO B 102 19.62 -19.99 32.33
C PRO B 102 18.51 -21.02 32.10
N VAL B 103 18.67 -21.83 31.07
CA VAL B 103 17.69 -22.85 30.73
C VAL B 103 18.36 -24.24 30.71
N TYR B 104 17.85 -25.15 31.55
CA TYR B 104 18.51 -26.44 31.74
C TYR B 104 18.02 -27.57 30.81
N ASN B 105 16.72 -27.78 30.73
CA ASN B 105 16.16 -28.73 29.75
C ASN B 105 14.98 -28.13 29.02
N MSE B 106 14.37 -28.88 28.11
CA MSE B 106 13.22 -28.39 27.36
C MSE B 106 11.90 -29.06 27.75
O MSE B 106 10.94 -29.04 26.98
CB MSE B 106 13.45 -28.56 25.85
CG MSE B 106 14.58 -27.69 25.31
SE MSE B 106 14.31 -25.79 25.63
CE MSE B 106 13.09 -25.39 24.16
N VAL B 107 11.86 -29.62 28.95
CA VAL B 107 10.69 -30.41 29.36
C VAL B 107 9.41 -29.59 29.32
N MSE B 108 9.49 -28.34 29.74
CA MSE B 108 8.33 -27.47 29.79
C MSE B 108 8.23 -26.51 28.63
O MSE B 108 7.56 -25.51 28.71
CB MSE B 108 8.27 -26.72 31.11
CG MSE B 108 7.81 -27.60 32.24
SE MSE B 108 7.62 -26.62 33.84
CE MSE B 108 6.02 -25.67 33.40
N SER B 109 8.94 -26.82 27.55
CA SER B 109 8.91 -26.00 26.36
C SER B 109 7.48 -26.05 25.87
N ASP B 110 7.00 -24.94 25.34
CA ASP B 110 5.63 -24.86 24.85
C ASP B 110 4.67 -24.46 25.97
N VAL B 111 5.21 -24.23 27.15
CA VAL B 111 4.38 -23.85 28.29
C VAL B 111 4.68 -22.44 28.76
N THR B 112 3.64 -21.65 28.91
CA THR B 112 3.77 -20.28 29.40
C THR B 112 2.88 -20.15 30.63
N ILE B 113 3.44 -19.66 31.73
CA ILE B 113 2.67 -19.58 32.97
C ILE B 113 2.63 -18.19 33.58
N SER B 114 1.70 -18.03 34.53
CA SER B 114 1.62 -16.85 35.37
C SER B 114 1.19 -17.33 36.76
N CYS B 115 1.56 -16.57 37.79
CA CYS B 115 1.26 -16.97 39.16
C CYS B 115 0.33 -15.99 39.83
N THR B 116 -0.27 -16.43 40.93
CA THR B 116 -1.11 -15.57 41.74
C THR B 116 -1.37 -16.23 43.09
N SER B 117 -1.64 -15.41 44.10
CA SER B 117 -1.90 -15.92 45.45
C SER B 117 -0.76 -16.81 45.89
N LEU B 118 0.47 -16.33 45.75
CA LEU B 118 1.62 -17.13 46.11
C LEU B 118 2.61 -16.39 46.99
N GLU B 119 3.24 -17.14 47.87
CA GLU B 119 4.23 -16.59 48.78
C GLU B 119 5.32 -16.12 47.85
N LYS B 120 5.96 -15.00 48.16
CA LYS B 120 6.95 -14.47 47.22
C LYS B 120 8.10 -15.41 46.96
N GLU B 121 8.61 -16.04 48.01
CA GLU B 121 9.70 -16.95 47.82
C GLU B 121 9.25 -18.10 46.95
N LYS B 122 8.04 -18.58 47.19
CA LYS B 122 7.45 -19.68 46.43
C LYS B 122 7.27 -19.33 44.96
N ARG B 123 6.84 -18.12 44.69
CA ARG B 123 6.64 -17.65 43.34
C ARG B 123 7.97 -17.57 42.63
N GLU B 124 8.97 -17.08 43.34
CA GLU B 124 10.30 -16.95 42.77
C GLU B 124 10.83 -18.33 42.45
N GLU B 125 10.44 -19.27 43.28
CA GLU B 125 10.84 -20.66 43.13
C GLU B 125 10.18 -21.25 41.90
N VAL B 126 8.89 -21.01 41.75
CA VAL B 126 8.12 -21.55 40.64
C VAL B 126 8.69 -21.00 39.35
N HIS B 127 8.92 -19.69 39.34
CA HIS B 127 9.51 -19.00 38.20
C HIS B 127 10.75 -19.70 37.69
N LYS B 128 11.77 -19.75 38.55
CA LYS B 128 13.07 -20.33 38.23
C LYS B 128 12.93 -21.76 37.72
N TYR B 129 12.09 -22.55 38.38
CA TYR B 129 11.85 -23.92 37.94
C TYR B 129 11.36 -23.94 36.49
N VAL B 130 10.34 -23.14 36.19
CA VAL B 130 9.76 -23.09 34.85
C VAL B 130 10.78 -22.65 33.81
N GLN B 131 11.57 -21.64 34.17
CA GLN B 131 12.55 -21.10 33.24
C GLN B 131 13.65 -22.12 32.93
N MSE B 132 14.06 -22.89 33.93
CA MSE B 132 15.09 -23.90 33.72
C MSE B 132 14.58 -25.07 32.88
O MSE B 132 15.37 -25.85 32.34
CB MSE B 132 15.64 -24.40 35.05
CG MSE B 132 16.48 -23.40 35.80
SE MSE B 132 16.98 -24.06 37.58
CE MSE B 132 17.50 -25.86 37.08
N MSE B 133 13.26 -25.19 32.76
CA MSE B 133 12.66 -26.28 31.97
C MSE B 133 12.21 -25.82 30.58
O MSE B 133 11.61 -26.58 29.82
CB MSE B 133 11.51 -26.94 32.73
CG MSE B 133 11.92 -27.46 34.12
SE MSE B 133 10.59 -28.53 35.05
CE MSE B 133 10.75 -30.18 34.05
N GLY B 134 12.52 -24.57 30.25
CA GLY B 134 12.30 -24.08 28.90
C GLY B 134 10.90 -23.54 28.65
N GLY B 135 10.33 -22.89 29.65
CA GLY B 135 9.00 -22.31 29.52
C GLY B 135 9.03 -20.82 29.81
N ARG B 136 7.92 -20.16 29.54
CA ARG B 136 7.82 -18.71 29.74
C ARG B 136 7.06 -18.34 31.01
N VAL B 137 7.38 -17.16 31.55
CA VAL B 137 6.70 -16.63 32.72
C VAL B 137 6.28 -15.18 32.50
N TYR B 138 5.00 -14.89 32.57
CA TYR B 138 4.55 -13.50 32.54
C TYR B 138 4.05 -13.12 33.91
N ARG B 139 4.54 -12.00 34.43
CA ARG B 139 4.08 -11.48 35.71
C ARG B 139 2.58 -11.21 35.65
N ASP B 140 2.14 -10.60 34.55
CA ASP B 140 0.74 -10.33 34.34
C ASP B 140 0.10 -11.38 33.43
N LEU B 141 -1.20 -11.57 33.60
CA LEU B 141 -1.96 -12.53 32.81
C LEU B 141 -2.19 -12.00 31.39
N ASN B 142 -2.22 -12.92 30.45
CA ASN B 142 -2.53 -12.63 29.06
C ASN B 142 -3.03 -13.90 28.38
N VAL B 143 -3.58 -13.75 27.18
CA VAL B 143 -4.14 -14.87 26.44
C VAL B 143 -3.14 -15.98 26.16
N SER B 144 -1.88 -15.61 26.02
CA SER B 144 -0.80 -16.54 25.75
C SER B 144 -0.56 -17.57 26.85
N VAL B 145 -0.78 -17.20 28.10
CA VAL B 145 -0.54 -18.10 29.22
C VAL B 145 -1.30 -19.42 29.03
N THR B 146 -0.61 -20.53 29.17
CA THR B 146 -1.22 -21.84 28.97
C THR B 146 -1.70 -22.45 30.28
N HIS B 147 -1.04 -22.09 31.38
CA HIS B 147 -1.42 -22.62 32.68
C HIS B 147 -1.22 -21.58 33.76
N LEU B 148 -2.26 -21.33 34.56
CA LEU B 148 -2.11 -20.45 35.69
C LEU B 148 -1.68 -21.27 36.91
N ILE B 149 -0.75 -20.73 37.67
CA ILE B 149 -0.28 -21.39 38.87
C ILE B 149 -0.82 -20.63 40.07
N ALA B 150 -1.59 -21.34 40.90
CA ALA B 150 -2.24 -20.70 42.05
C ALA B 150 -2.06 -21.48 43.35
N GLY B 151 -1.84 -20.74 44.43
CA GLY B 151 -1.77 -21.33 45.76
C GLY B 151 -3.15 -21.36 46.38
N GLU B 152 -3.88 -20.26 46.20
CA GLU B 152 -5.24 -20.14 46.68
C GLU B 152 -6.17 -19.68 45.59
N VAL B 153 -7.46 -19.59 45.92
CA VAL B 153 -8.46 -19.09 44.99
C VAL B 153 -8.86 -17.68 45.40
N GLY B 154 -9.59 -16.98 44.53
CA GLY B 154 -10.14 -15.68 44.87
C GLY B 154 -9.60 -14.44 44.20
N SER B 155 -8.38 -14.50 43.68
CA SER B 155 -7.76 -13.30 43.11
C SER B 155 -8.41 -12.81 41.81
N LYS B 156 -8.21 -11.54 41.50
CA LYS B 156 -8.61 -10.98 40.22
C LYS B 156 -8.05 -11.83 39.07
N LYS B 157 -6.80 -12.24 39.21
CA LYS B 157 -6.12 -13.00 38.17
C LYS B 157 -6.69 -14.41 38.06
N TYR B 158 -6.87 -15.05 39.21
CA TYR B 158 -7.54 -16.35 39.29
C TYR B 158 -8.90 -16.32 38.60
N LEU B 159 -9.72 -15.32 38.92
CA LEU B 159 -11.01 -15.15 38.28
C LEU B 159 -10.93 -15.03 36.76
N VAL B 160 -10.14 -14.09 36.27
CA VAL B 160 -10.03 -13.86 34.83
C VAL B 160 -9.58 -15.12 34.10
N ALA B 161 -8.63 -15.84 34.69
CA ALA B 161 -8.18 -17.09 34.10
C ALA B 161 -9.33 -18.11 34.08
N ALA B 162 -10.09 -18.15 35.16
CA ALA B 162 -11.29 -18.98 35.23
C ALA B 162 -12.29 -18.64 34.14
N ASN B 163 -12.65 -17.37 34.02
CA ASN B 163 -13.53 -16.93 32.94
C ASN B 163 -13.00 -17.31 31.56
N LEU B 164 -11.69 -17.46 31.44
CA LEU B 164 -11.09 -17.87 30.17
C LEU B 164 -11.03 -19.38 30.04
N LYS B 165 -11.41 -20.08 31.11
CA LYS B 165 -11.37 -21.53 31.13
C LYS B 165 -9.95 -22.05 30.93
N LYS B 166 -8.98 -21.31 31.46
CA LYS B 166 -7.60 -21.77 31.43
C LYS B 166 -7.35 -22.67 32.62
N PRO B 167 -6.45 -23.65 32.45
CA PRO B 167 -6.11 -24.60 33.51
C PRO B 167 -5.49 -23.88 34.70
N ILE B 168 -6.07 -24.09 35.88
CA ILE B 168 -5.50 -23.52 37.11
C ILE B 168 -4.91 -24.65 37.92
N LEU B 169 -3.65 -24.50 38.32
CA LEU B 169 -2.91 -25.59 38.92
C LEU B 169 -2.13 -25.21 40.17
N LEU B 170 -1.85 -26.21 41.01
CA LEU B 170 -1.05 -26.01 42.20
C LEU B 170 0.44 -25.98 41.89
N PRO B 171 1.19 -25.21 42.67
CA PRO B 171 2.66 -25.14 42.54
C PRO B 171 3.31 -26.53 42.55
N SER B 172 2.62 -27.52 43.10
CA SER B 172 3.16 -28.87 43.20
C SER B 172 3.34 -29.50 41.82
N TRP B 173 2.59 -28.98 40.85
CA TRP B 173 2.71 -29.45 39.47
C TRP B 173 4.12 -29.16 38.93
N ILE B 174 4.66 -28.01 39.31
CA ILE B 174 5.97 -27.60 38.84
C ILE B 174 7.06 -28.43 39.49
N LYS B 175 7.05 -28.48 40.81
CA LYS B 175 8.01 -29.27 41.58
C LYS B 175 8.03 -30.73 41.13
N THR B 176 6.86 -31.26 40.82
CA THR B 176 6.76 -32.63 40.33
C THR B 176 7.39 -32.73 38.95
N LEU B 177 7.09 -31.78 38.09
CA LEU B 177 7.66 -31.81 36.77
C LEU B 177 9.17 -31.81 36.93
N TRP B 178 9.68 -30.96 37.80
CA TRP B 178 11.12 -30.92 38.00
C TRP B 178 11.72 -32.16 38.67
N GLU B 179 11.10 -32.64 39.74
CA GLU B 179 11.63 -33.81 40.43
C GLU B 179 11.60 -35.03 39.55
N LYS B 180 10.48 -35.23 38.88
CA LYS B 180 10.33 -36.35 37.96
C LYS B 180 11.35 -36.26 36.82
N SER B 181 11.58 -35.05 36.34
CA SER B 181 12.52 -34.82 35.24
C SER B 181 13.96 -35.26 35.58
N GLN B 182 14.46 -34.82 36.72
CA GLN B 182 15.79 -35.20 37.17
C GLN B 182 15.88 -36.72 37.36
N GLU B 183 14.89 -37.28 38.04
CA GLU B 183 14.83 -38.72 38.24
C GLU B 183 14.81 -39.47 36.91
N LYS B 184 14.67 -38.71 35.82
CA LYS B 184 14.65 -39.26 34.47
C LYS B 184 13.44 -40.17 34.25
N LYS B 185 12.28 -39.74 34.74
CA LYS B 185 11.05 -40.49 34.57
C LYS B 185 10.20 -39.86 33.46
N ILE B 186 10.40 -38.58 33.20
CA ILE B 186 9.62 -37.88 32.19
C ILE B 186 10.47 -36.89 31.37
N THR B 187 10.06 -36.65 30.13
CA THR B 187 10.82 -35.82 29.21
C THR B 187 10.07 -34.54 28.84
N ARG B 188 8.75 -34.63 28.87
CA ARG B 188 7.89 -33.52 28.51
C ARG B 188 6.85 -33.34 29.60
N TYR B 189 6.25 -32.15 29.68
CA TYR B 189 5.27 -31.86 30.73
C TYR B 189 3.97 -32.65 30.57
N THR B 190 3.66 -33.03 29.34
CA THR B 190 2.43 -33.76 29.08
C THR B 190 2.53 -35.22 29.52
N ASP B 191 3.59 -35.56 30.24
CA ASP B 191 3.80 -36.92 30.70
C ASP B 191 3.02 -37.20 31.97
N ILE B 192 3.05 -36.28 32.91
CA ILE B 192 2.30 -36.46 34.15
C ILE B 192 0.88 -35.96 33.98
N ASN B 193 -0.06 -36.65 34.62
CA ASN B 193 -1.45 -36.27 34.53
C ASN B 193 -1.69 -34.90 35.14
N MSE B 194 -2.12 -33.95 34.30
CA MSE B 194 -2.37 -32.59 34.76
C MSE B 194 -3.55 -32.53 35.72
O MSE B 194 -3.56 -31.74 36.66
CB MSE B 194 -2.64 -31.68 33.55
CG MSE B 194 -2.92 -30.25 33.92
SE MSE B 194 -3.13 -29.11 32.36
CE MSE B 194 -4.67 -29.98 31.55
N GLU B 195 -4.55 -33.38 35.47
CA GLU B 195 -5.76 -33.40 36.29
C GLU B 195 -5.41 -33.50 37.76
N ASP B 196 -4.40 -34.31 38.07
CA ASP B 196 -4.06 -34.62 39.45
C ASP B 196 -3.60 -33.39 40.24
N PHE B 197 -3.21 -32.34 39.53
CA PHE B 197 -2.72 -31.15 40.20
C PHE B 197 -3.67 -29.96 40.08
N LYS B 198 -4.85 -30.23 39.51
CA LYS B 198 -5.94 -29.25 39.49
C LYS B 198 -6.14 -28.60 40.86
N CYS B 199 -6.30 -27.28 40.87
CA CYS B 199 -6.52 -26.55 42.11
C CYS B 199 -8.01 -26.56 42.50
N PRO B 200 -8.33 -27.17 43.66
CA PRO B 200 -9.70 -27.33 44.17
C PRO B 200 -10.51 -26.03 44.17
N ILE B 201 -11.82 -26.15 43.99
CA ILE B 201 -12.72 -25.01 43.90
C ILE B 201 -12.67 -24.08 45.12
N PHE B 202 -12.53 -24.66 46.31
CA PHE B 202 -12.60 -23.88 47.54
C PHE B 202 -11.31 -23.93 48.34
N LEU B 203 -10.21 -24.25 47.67
CA LEU B 203 -8.91 -24.29 48.36
C LEU B 203 -8.51 -22.92 48.89
N GLY B 204 -8.24 -22.87 50.19
CA GLY B 204 -7.87 -21.63 50.84
C GLY B 204 -9.06 -20.97 51.52
N CYS B 205 -10.24 -21.55 51.33
CA CYS B 205 -11.45 -21.02 51.93
C CYS B 205 -11.76 -21.71 53.24
N ILE B 206 -11.98 -20.92 54.29
CA ILE B 206 -12.52 -21.46 55.52
C ILE B 206 -13.93 -20.94 55.67
N ILE B 207 -14.89 -21.85 55.59
CA ILE B 207 -16.30 -21.49 55.47
C ILE B 207 -17.10 -21.72 56.75
N CYS B 208 -17.88 -20.72 57.14
CA CYS B 208 -18.79 -20.80 58.26
C CYS B 208 -20.20 -20.57 57.75
N VAL B 209 -21.20 -21.08 58.46
CA VAL B 209 -22.59 -20.96 58.02
C VAL B 209 -23.46 -20.43 59.14
N THR B 210 -24.59 -19.82 58.78
CA THR B 210 -25.61 -19.47 59.76
C THR B 210 -26.98 -19.27 59.11
N GLY B 211 -28.04 -19.64 59.84
CA GLY B 211 -29.39 -19.48 59.35
C GLY B 211 -29.93 -20.66 58.55
N LEU B 212 -29.14 -21.71 58.43
CA LEU B 212 -29.58 -22.89 57.68
C LEU B 212 -29.98 -24.01 58.63
N CYS B 213 -31.00 -24.77 58.25
CA CYS B 213 -31.37 -25.96 59.00
C CYS B 213 -30.17 -26.89 59.05
N GLY B 214 -30.02 -27.63 60.13
CA GLY B 214 -28.88 -28.51 60.29
C GLY B 214 -28.64 -29.40 59.09
N LEU B 215 -29.68 -29.65 58.32
CA LEU B 215 -29.56 -30.50 57.14
C LEU B 215 -28.77 -29.77 56.07
N ASP B 216 -29.20 -28.55 55.75
CA ASP B 216 -28.51 -27.73 54.76
C ASP B 216 -27.11 -27.38 55.22
N ARG B 217 -26.98 -27.04 56.50
CA ARG B 217 -25.67 -26.75 57.07
C ARG B 217 -24.76 -27.96 56.95
N LYS B 218 -25.36 -29.15 56.97
CA LYS B 218 -24.61 -30.39 56.84
C LYS B 218 -24.16 -30.58 55.40
N GLU B 219 -24.91 -30.01 54.47
CA GLU B 219 -24.61 -30.16 53.04
C GLU B 219 -23.38 -29.35 52.63
N VAL B 220 -23.36 -28.06 52.97
CA VAL B 220 -22.23 -27.22 52.60
C VAL B 220 -20.95 -27.77 53.23
N GLN B 221 -21.09 -28.39 54.41
CA GLN B 221 -19.96 -29.01 55.08
C GLN B 221 -19.41 -30.13 54.22
N GLN B 222 -20.28 -31.08 53.87
CA GLN B 222 -19.88 -32.23 53.08
C GLN B 222 -19.16 -31.78 51.82
N LEU B 223 -19.70 -30.76 51.17
CA LEU B 223 -19.17 -30.28 49.89
C LEU B 223 -17.92 -29.43 50.07
N THR B 224 -17.95 -28.51 51.03
CA THR B 224 -16.80 -27.68 51.32
C THR B 224 -15.53 -28.51 51.41
N VAL B 225 -15.61 -29.61 52.14
CA VAL B 225 -14.47 -30.50 52.30
C VAL B 225 -14.10 -31.23 51.01
N LYS B 226 -15.11 -31.63 50.28
CA LYS B 226 -14.96 -32.36 49.03
C LYS B 226 -14.23 -31.57 47.95
N HIS B 227 -14.49 -30.27 47.93
CA HIS B 227 -13.90 -29.38 46.95
C HIS B 227 -12.63 -28.66 47.37
N GLY B 228 -11.94 -29.23 48.36
CA GLY B 228 -10.68 -28.71 48.85
C GLY B 228 -10.65 -27.62 49.87
N GLY B 229 -11.82 -27.17 50.30
CA GLY B 229 -11.87 -26.12 51.30
C GLY B 229 -11.91 -26.65 52.72
N GLN B 230 -12.10 -25.74 53.67
CA GLN B 230 -12.22 -26.12 55.06
C GLN B 230 -13.55 -25.65 55.65
N TYR B 231 -14.06 -26.41 56.63
CA TYR B 231 -15.31 -26.05 57.29
C TYR B 231 -15.09 -25.83 58.78
N MSE B 232 -15.81 -24.87 59.34
CA MSE B 232 -15.80 -24.62 60.78
C MSE B 232 -17.22 -24.50 61.30
O MSE B 232 -18.08 -23.93 60.64
CB MSE B 232 -14.99 -23.37 61.12
CG MSE B 232 -13.49 -23.52 60.89
SE MSE B 232 -12.43 -22.28 61.94
CE MSE B 232 -13.56 -20.69 61.79
N GLY B 233 -17.45 -25.05 62.49
CA GLY B 233 -18.76 -24.95 63.11
C GLY B 233 -18.98 -23.58 63.70
N GLN B 234 -17.93 -23.00 64.25
CA GLN B 234 -18.03 -21.71 64.91
C GLN B 234 -17.38 -20.60 64.12
N LEU B 235 -17.92 -19.39 64.22
CA LEU B 235 -17.33 -18.23 63.55
C LEU B 235 -16.16 -17.65 64.35
N LYS B 236 -14.96 -17.85 63.84
CA LYS B 236 -13.76 -17.33 64.50
C LYS B 236 -13.04 -16.40 63.55
N MSE B 237 -12.71 -15.21 64.01
CA MSE B 237 -12.02 -14.23 63.19
C MSE B 237 -10.59 -14.63 62.88
O MSE B 237 -9.87 -15.16 63.72
CB MSE B 237 -12.00 -12.88 63.87
CG MSE B 237 -10.90 -12.74 64.88
SE MSE B 237 -10.79 -10.94 65.55
CE MSE B 237 -10.33 -10.00 63.91
N ASN B 238 -10.17 -14.37 61.64
CA ASN B 238 -8.83 -14.66 61.20
C ASN B 238 -8.75 -16.10 60.73
N GLU B 239 -9.83 -16.85 60.98
CA GLU B 239 -9.89 -18.23 60.57
C GLU B 239 -11.06 -18.41 59.61
N CYS B 240 -11.86 -17.39 59.44
CA CYS B 240 -13.02 -17.52 58.57
C CYS B 240 -12.95 -16.53 57.41
N THR B 241 -12.97 -17.04 56.18
CA THR B 241 -12.94 -16.18 55.00
C THR B 241 -14.32 -15.97 54.40
N HIS B 242 -15.19 -16.96 54.57
CA HIS B 242 -16.53 -16.92 53.98
C HIS B 242 -17.60 -17.32 54.98
N LEU B 243 -18.45 -16.36 55.35
CA LEU B 243 -19.66 -16.67 56.12
C LEU B 243 -20.89 -16.64 55.22
N ILE B 244 -21.48 -17.81 55.00
CA ILE B 244 -22.65 -17.92 54.17
C ILE B 244 -23.94 -17.60 54.94
N VAL B 245 -24.49 -16.42 54.69
CA VAL B 245 -25.70 -15.95 55.34
C VAL B 245 -26.68 -15.37 54.31
N GLN B 246 -27.96 -15.67 54.48
CA GLN B 246 -28.96 -15.26 53.49
C GLN B 246 -29.38 -13.80 53.60
N GLU B 247 -29.44 -13.28 54.82
CA GLU B 247 -29.86 -11.90 55.05
C GLU B 247 -28.88 -11.12 55.91
N PRO B 248 -28.85 -9.81 55.72
CA PRO B 248 -27.92 -8.97 56.47
C PRO B 248 -28.37 -8.58 57.87
N LYS B 249 -28.52 -9.55 58.75
CA LYS B 249 -28.90 -9.28 60.11
C LYS B 249 -28.50 -10.43 61.02
N GLY B 250 -28.21 -10.12 62.27
CA GLY B 250 -27.84 -11.14 63.24
C GLY B 250 -26.54 -10.76 63.93
N GLN B 251 -26.30 -11.34 65.09
CA GLN B 251 -25.07 -11.06 65.84
C GLN B 251 -23.86 -11.52 65.04
N LYS B 252 -23.95 -12.75 64.51
CA LYS B 252 -22.84 -13.36 63.80
C LYS B 252 -22.51 -12.60 62.51
N TYR B 253 -23.54 -12.18 61.79
CA TYR B 253 -23.34 -11.39 60.58
C TYR B 253 -22.59 -10.10 60.88
N GLU B 254 -23.22 -9.24 61.69
CA GLU B 254 -22.63 -7.94 62.02
C GLU B 254 -21.18 -8.09 62.46
N CYS B 255 -20.89 -9.22 63.09
CA CYS B 255 -19.54 -9.52 63.54
C CYS B 255 -18.66 -9.89 62.36
N ALA B 256 -19.10 -10.85 61.56
CA ALA B 256 -18.38 -11.25 60.37
C ALA B 256 -18.14 -10.02 59.50
N LYS B 257 -19.18 -9.21 59.36
CA LYS B 257 -19.12 -7.98 58.60
C LYS B 257 -18.10 -7.04 59.22
N ARG B 258 -17.97 -7.13 60.54
CA ARG B 258 -17.03 -6.32 61.30
C ARG B 258 -15.59 -6.77 61.10
N TRP B 259 -15.38 -8.05 60.80
CA TRP B 259 -14.04 -8.56 60.58
C TRP B 259 -13.66 -8.55 59.09
N ASN B 260 -14.46 -7.86 58.28
CA ASN B 260 -14.23 -7.84 56.84
C ASN B 260 -14.17 -9.23 56.23
N VAL B 261 -14.99 -10.13 56.76
CA VAL B 261 -15.15 -11.47 56.20
C VAL B 261 -16.16 -11.40 55.05
N HIS B 262 -15.98 -12.26 54.05
CA HIS B 262 -16.93 -12.34 52.95
C HIS B 262 -18.28 -12.88 53.42
N CYS B 263 -19.31 -12.05 53.32
CA CYS B 263 -20.66 -12.48 53.67
C CYS B 263 -21.51 -12.64 52.42
N VAL B 264 -21.61 -13.88 51.94
CA VAL B 264 -22.35 -14.16 50.73
C VAL B 264 -23.52 -15.11 50.96
N THR B 265 -24.52 -15.05 50.07
CA THR B 265 -25.65 -15.96 50.11
C THR B 265 -25.19 -17.36 49.75
N THR B 266 -26.12 -18.32 49.76
CA THR B 266 -25.78 -19.70 49.47
C THR B 266 -25.45 -19.90 48.00
N GLN B 267 -26.00 -19.04 47.16
CA GLN B 267 -25.82 -19.16 45.72
C GLN B 267 -24.33 -19.09 45.36
N TRP B 268 -23.58 -18.30 46.12
CA TRP B 268 -22.14 -18.25 45.92
C TRP B 268 -21.54 -19.65 45.99
N PHE B 269 -21.92 -20.38 47.03
CA PHE B 269 -21.38 -21.71 47.28
C PHE B 269 -21.74 -22.68 46.15
N PHE B 270 -23.01 -22.70 45.77
CA PHE B 270 -23.48 -23.68 44.79
C PHE B 270 -23.14 -23.33 43.34
N ASP B 271 -23.10 -22.04 43.03
CA ASP B 271 -22.66 -21.61 41.72
C ASP B 271 -21.18 -21.95 41.54
N SER B 272 -20.39 -21.69 42.59
CA SER B 272 -18.97 -21.99 42.54
C SER B 272 -18.74 -23.45 42.14
N ILE B 273 -19.59 -24.34 42.64
CA ILE B 273 -19.45 -25.76 42.33
C ILE B 273 -19.94 -26.06 40.92
N GLU B 274 -21.09 -25.50 40.58
CA GLU B 274 -21.64 -25.67 39.26
C GLU B 274 -20.68 -25.12 38.21
N LYS B 275 -20.29 -23.86 38.39
CA LYS B 275 -19.36 -23.20 37.47
C LYS B 275 -17.96 -23.82 37.47
N GLY B 276 -17.53 -24.36 38.60
CA GLY B 276 -16.25 -25.04 38.67
C GLY B 276 -15.09 -24.23 39.22
N PHE B 277 -15.40 -23.09 39.83
CA PHE B 277 -14.38 -22.29 40.50
C PHE B 277 -15.00 -21.31 41.48
N CYS B 278 -14.21 -20.89 42.47
CA CYS B 278 -14.65 -19.90 43.44
C CYS B 278 -15.11 -18.60 42.76
N GLN B 279 -16.40 -18.31 42.87
CA GLN B 279 -17.00 -17.13 42.24
C GLN B 279 -16.64 -15.83 42.94
N ASP B 280 -16.76 -14.74 42.20
CA ASP B 280 -16.54 -13.40 42.74
C ASP B 280 -17.51 -13.15 43.89
N GLU B 281 -16.97 -12.88 45.07
CA GLU B 281 -17.79 -12.68 46.26
C GLU B 281 -18.67 -11.43 46.18
N SER B 282 -18.27 -10.47 45.36
CA SER B 282 -18.98 -9.19 45.26
C SER B 282 -20.38 -9.38 44.71
N ILE B 283 -20.51 -10.29 43.74
CA ILE B 283 -21.77 -10.54 43.07
C ILE B 283 -22.80 -11.20 43.98
N TYR B 284 -22.35 -11.70 45.12
CA TYR B 284 -23.21 -12.45 46.02
C TYR B 284 -23.28 -11.82 47.41
N LYS B 285 -22.97 -10.52 47.48
CA LYS B 285 -22.98 -9.83 48.75
C LYS B 285 -24.35 -9.92 49.43
N THR B 286 -24.33 -10.26 50.71
CA THR B 286 -25.54 -10.48 51.48
C THR B 286 -26.35 -9.19 51.67
N GLU B 287 -25.65 -8.06 51.76
CA GLU B 287 -26.29 -6.76 51.66
C GLU B 287 -25.87 -6.14 50.33
N PRO B 288 -26.76 -6.13 49.36
CA PRO B 288 -26.44 -5.60 48.03
C PRO B 288 -26.43 -4.08 47.97
N ARG B 289 -27.18 -3.46 48.88
CA ARG B 289 -27.33 -2.01 48.92
C ARG B 289 -26.08 -1.19 49.24
N PRO B 290 -25.23 -1.70 50.13
CA PRO B 290 -24.03 -0.97 50.50
C PRO B 290 -23.80 0.22 49.59
N PRO C 2 -1.93 14.47 3.73
CA PRO C 2 -1.77 15.03 5.08
C PRO C 2 -1.71 16.56 5.04
N MSE C 3 -1.10 17.09 3.98
CA MSE C 3 -1.05 18.53 3.78
C MSE C 3 -1.80 18.93 2.53
O MSE C 3 -1.66 20.06 2.04
CB MSE C 3 0.40 19.02 3.72
CG MSE C 3 1.27 18.49 4.84
SE MSE C 3 2.78 19.66 5.22
CE MSE C 3 4.07 18.30 5.77
N SER C 4 -2.60 18.00 2.01
CA SER C 4 -3.48 18.28 0.87
C SER C 4 -4.68 19.12 1.32
N ARG C 5 -5.38 19.70 0.36
CA ARG C 5 -6.43 20.67 0.66
C ARG C 5 -7.50 20.16 1.62
N ASN C 6 -8.23 19.13 1.20
CA ASN C 6 -9.38 18.64 1.97
C ASN C 6 -9.04 17.56 2.97
N ASP C 7 -7.99 16.79 2.67
CA ASP C 7 -7.47 15.84 3.63
C ASP C 7 -6.36 16.53 4.41
N LYS C 8 -6.62 16.77 5.69
CA LYS C 8 -5.60 17.34 6.56
C LYS C 8 -5.53 16.49 7.82
N GLU C 9 -4.65 15.50 7.79
CA GLU C 9 -4.46 14.62 8.93
C GLU C 9 -3.06 14.79 9.49
N PRO C 10 -2.87 14.42 10.76
CA PRO C 10 -1.54 14.44 11.36
C PRO C 10 -0.67 13.37 10.70
N PHE C 11 0.64 13.56 10.71
CA PHE C 11 1.54 12.55 10.18
C PHE C 11 2.72 12.36 11.12
N PHE C 12 3.21 11.12 11.20
CA PHE C 12 4.25 10.79 12.15
C PHE C 12 5.65 11.02 11.59
N VAL C 13 6.39 11.91 12.26
CA VAL C 13 7.69 12.34 11.74
C VAL C 13 8.83 12.00 12.68
N LYS C 14 9.91 11.46 12.13
CA LYS C 14 11.16 11.32 12.88
C LYS C 14 12.20 12.32 12.38
N PHE C 15 12.86 13.02 13.31
CA PHE C 15 14.01 13.88 13.01
C PHE C 15 15.31 13.22 13.47
N LEU C 16 16.28 13.11 12.58
CA LEU C 16 17.60 12.57 12.95
C LEU C 16 18.61 13.66 13.32
N LYS C 17 18.84 13.82 14.63
CA LYS C 17 19.85 14.75 15.14
C LYS C 17 21.26 14.22 14.91
N SER C 18 22.13 15.07 14.40
CA SER C 18 23.53 14.70 14.23
C SER C 18 24.42 15.92 14.43
N SER C 19 25.68 15.74 14.74
CA SER C 19 26.55 16.89 14.94
C SER C 19 26.58 17.83 13.74
N ASP C 20 26.30 17.33 12.55
CA ASP C 20 26.32 18.18 11.35
C ASP C 20 25.00 18.82 10.93
N ASN C 21 24.03 18.88 11.85
CA ASN C 21 22.74 19.50 11.54
C ASN C 21 22.89 20.96 11.20
N SER C 22 22.17 21.42 10.18
CA SER C 22 22.22 22.82 9.77
C SER C 22 21.17 23.64 10.48
N LYS C 23 21.16 24.95 10.23
CA LYS C 23 20.15 25.83 10.80
C LYS C 23 18.80 25.57 10.15
N CYS C 24 18.84 24.98 8.96
CA CYS C 24 17.62 24.61 8.25
C CYS C 24 16.88 23.49 9.00
N PHE C 25 17.65 22.56 9.55
CA PHE C 25 17.11 21.43 10.30
C PHE C 25 16.17 21.94 11.40
N PHE C 26 16.65 22.90 12.18
CA PHE C 26 15.88 23.43 13.29
C PHE C 26 14.75 24.37 12.84
N LYS C 27 14.86 24.87 11.61
CA LYS C 27 13.75 25.63 11.03
C LYS C 27 12.58 24.69 10.73
N ALA C 28 12.88 23.50 10.25
CA ALA C 28 11.85 22.52 9.93
C ALA C 28 11.13 22.06 11.19
N LEU C 29 11.90 21.69 12.21
CA LEU C 29 11.35 21.31 13.50
C LEU C 29 10.26 22.27 13.95
N GLU C 30 10.58 23.55 13.91
CA GLU C 30 9.66 24.58 14.40
C GLU C 30 8.44 24.73 13.51
N SER C 31 8.63 24.65 12.20
CA SER C 31 7.50 24.79 11.29
C SER C 31 6.51 23.63 11.44
N ILE C 32 7.03 22.43 11.72
CA ILE C 32 6.16 21.27 11.92
C ILE C 32 5.30 21.40 13.17
N LYS C 33 5.88 21.96 14.23
CA LYS C 33 5.15 22.20 15.47
C LYS C 33 4.10 23.32 15.32
N GLU C 34 3.94 23.83 14.11
CA GLU C 34 2.91 24.82 13.83
C GLU C 34 1.80 24.13 13.06
N PHE C 35 2.18 23.16 12.25
CA PHE C 35 1.21 22.41 11.49
C PHE C 35 0.45 21.45 12.38
N GLN C 36 1.14 20.86 13.35
CA GLN C 36 0.55 19.83 14.20
C GLN C 36 1.22 19.75 15.56
N SER C 37 0.73 18.84 16.41
CA SER C 37 1.29 18.68 17.74
C SER C 37 2.65 17.99 17.71
N GLU C 38 3.56 18.48 18.56
CA GLU C 38 4.87 17.87 18.72
C GLU C 38 4.75 16.38 19.02
N GLU C 39 3.56 15.97 19.47
CA GLU C 39 3.31 14.58 19.81
C GLU C 39 3.52 13.63 18.62
N TYR C 40 3.42 14.15 17.41
CA TYR C 40 3.61 13.35 16.21
C TYR C 40 5.08 13.42 15.75
N LEU C 41 5.93 13.96 16.63
CA LEU C 41 7.30 14.29 16.26
C LEU C 41 8.32 13.70 17.24
N GLN C 42 9.14 12.77 16.73
CA GLN C 42 10.17 12.13 17.55
C GLN C 42 11.59 12.43 17.04
N ILE C 43 12.40 13.02 17.93
CA ILE C 43 13.80 13.26 17.63
C ILE C 43 14.61 12.04 18.03
N ILE C 44 15.32 11.46 17.07
CA ILE C 44 16.11 10.26 17.33
C ILE C 44 17.60 10.51 17.21
N THR C 45 18.38 9.81 18.03
CA THR C 45 19.82 9.85 17.93
C THR C 45 20.27 8.80 16.95
N GLU C 46 21.56 8.86 16.62
CA GLU C 46 22.14 7.94 15.65
C GLU C 46 22.17 6.51 16.16
N GLU C 47 22.40 6.35 17.45
CA GLU C 47 22.43 5.01 18.01
C GLU C 47 21.03 4.41 18.05
N GLU C 48 20.03 5.24 18.27
CA GLU C 48 18.63 4.79 18.25
C GLU C 48 18.23 4.44 16.82
N ALA C 49 18.55 5.33 15.89
CA ALA C 49 18.21 5.15 14.48
C ALA C 49 18.85 3.88 13.92
N LEU C 50 20.00 3.53 14.46
CA LEU C 50 20.71 2.34 14.01
C LEU C 50 20.08 1.06 14.55
N LYS C 51 19.27 1.17 15.60
CA LYS C 51 18.57 0.01 16.16
C LYS C 51 17.37 -0.38 15.31
N ILE C 52 16.79 0.59 14.61
CA ILE C 52 15.72 0.32 13.64
C ILE C 52 16.21 -0.61 12.54
N LYS C 53 15.51 -1.73 12.35
CA LYS C 53 15.93 -2.73 11.38
C LYS C 53 14.88 -2.99 10.32
N GLU C 54 13.67 -2.48 10.55
CA GLU C 54 12.63 -2.52 9.53
C GLU C 54 12.08 -1.11 9.34
N ASN C 55 11.73 -0.78 8.11
CA ASN C 55 11.13 0.51 7.81
C ASN C 55 9.84 0.72 8.60
N ASP C 56 9.85 1.65 9.54
CA ASP C 56 8.69 1.96 10.35
C ASP C 56 7.59 2.54 9.49
N ARG C 57 8.00 3.15 8.38
CA ARG C 57 7.09 3.82 7.47
C ARG C 57 6.87 5.25 7.95
N SER C 58 7.65 5.69 8.93
CA SER C 58 7.54 7.05 9.41
C SER C 58 8.22 7.93 8.35
N LEU C 59 8.03 9.24 8.47
CA LEU C 59 8.75 10.18 7.60
C LEU C 59 10.06 10.56 8.29
N TYR C 60 11.18 10.37 7.60
CA TYR C 60 12.48 10.67 8.17
C TYR C 60 13.07 11.97 7.65
N ILE C 61 13.61 12.77 8.56
CA ILE C 61 14.17 14.06 8.20
C ILE C 61 15.65 14.11 8.53
N CYS C 62 16.47 13.83 7.52
CA CYS C 62 17.91 13.83 7.67
C CYS C 62 18.64 14.96 6.98
N ASP C 63 19.50 15.62 7.72
CA ASP C 63 20.35 16.69 7.25
C ASP C 63 21.65 16.47 7.99
N PRO C 64 22.76 16.24 7.31
CA PRO C 64 22.90 16.15 5.86
C PRO C 64 22.55 14.78 5.29
N PHE C 65 22.48 14.70 3.97
CA PHE C 65 22.17 13.44 3.32
C PHE C 65 23.44 12.63 3.13
N SER C 66 24.15 12.36 4.21
CA SER C 66 25.37 11.57 4.17
C SER C 66 25.65 11.05 5.56
N GLY C 67 26.49 10.04 5.68
CA GLY C 67 26.81 9.52 6.99
C GLY C 67 26.33 8.08 7.14
N VAL C 68 26.78 7.43 8.22
CA VAL C 68 26.48 6.03 8.45
C VAL C 68 24.99 5.79 8.57
N VAL C 69 24.34 6.56 9.43
CA VAL C 69 22.93 6.37 9.73
C VAL C 69 22.02 6.71 8.55
N PHE C 70 22.37 7.76 7.81
CA PHE C 70 21.61 8.11 6.61
C PHE C 70 21.69 6.99 5.59
N ASP C 71 22.87 6.41 5.44
CA ASP C 71 23.04 5.33 4.49
C ASP C 71 22.24 4.12 4.94
N HIS C 72 22.20 3.92 6.25
CA HIS C 72 21.44 2.83 6.84
C HIS C 72 19.94 3.02 6.66
N LEU C 73 19.42 4.18 7.03
CA LEU C 73 18.01 4.47 6.82
C LEU C 73 17.61 4.34 5.36
N LYS C 74 18.40 4.94 4.46
CA LYS C 74 18.11 4.84 3.04
C LYS C 74 18.04 3.39 2.58
N LYS C 75 18.98 2.58 3.04
CA LYS C 75 19.02 1.17 2.66
C LYS C 75 17.80 0.37 3.14
N LEU C 76 17.26 0.76 4.29
CA LEU C 76 16.03 0.13 4.79
C LEU C 76 14.87 0.39 3.85
N GLY C 77 14.90 1.53 3.17
CA GLY C 77 13.82 1.91 2.27
C GLY C 77 13.01 3.06 2.83
N CYS C 78 13.42 3.53 4.01
CA CYS C 78 12.74 4.64 4.68
C CYS C 78 12.48 5.84 3.77
N ARG C 79 11.42 6.59 4.08
CA ARG C 79 11.13 7.85 3.41
C ARG C 79 11.95 8.94 4.03
N ILE C 80 12.94 9.45 3.30
CA ILE C 80 13.79 10.50 3.83
C ILE C 80 13.69 11.76 2.98
N VAL C 81 13.53 12.90 3.66
CA VAL C 81 13.53 14.19 2.99
C VAL C 81 14.35 15.16 3.82
N GLY C 82 14.85 16.20 3.16
CA GLY C 82 15.62 17.22 3.85
C GLY C 82 14.71 18.28 4.43
N PRO C 83 15.22 19.01 5.43
CA PRO C 83 14.48 20.10 6.09
C PRO C 83 13.87 21.08 5.09
N GLN C 84 14.58 21.41 4.03
CA GLN C 84 14.09 22.36 3.03
CA GLN C 84 14.08 22.36 3.04
C GLN C 84 12.80 21.86 2.40
N VAL C 85 12.71 20.55 2.16
CA VAL C 85 11.50 19.98 1.59
C VAL C 85 10.30 20.24 2.50
N VAL C 86 10.49 20.07 3.80
CA VAL C 86 9.43 20.32 4.76
C VAL C 86 9.01 21.78 4.66
N ILE C 87 9.95 22.68 4.93
CA ILE C 87 9.69 24.12 4.90
C ILE C 87 8.98 24.55 3.62
N PHE C 88 9.48 24.07 2.49
CA PHE C 88 8.91 24.40 1.19
C PHE C 88 7.47 23.90 1.09
N CYS C 89 7.26 22.64 1.46
CA CYS C 89 5.94 22.05 1.33
C CYS C 89 4.92 22.72 2.26
N MSE C 90 5.40 23.23 3.40
CA MSE C 90 4.54 23.97 4.32
C MSE C 90 4.07 25.27 3.70
O MSE C 90 2.87 25.50 3.53
CB MSE C 90 5.28 24.28 5.63
CG MSE C 90 5.73 23.06 6.41
SE MSE C 90 4.26 22.04 7.15
CE MSE C 90 5.29 20.70 8.13
N HIS C 91 5.03 26.13 3.36
CA HIS C 91 4.73 27.45 2.83
C HIS C 91 3.84 27.40 1.59
N HIS C 92 4.02 26.38 0.75
CA HIS C 92 3.29 26.30 -0.51
C HIS C 92 1.99 25.51 -0.41
N GLN C 93 1.68 25.03 0.78
CA GLN C 93 0.44 24.30 0.99
C GLN C 93 0.35 23.10 0.07
N ARG C 94 1.47 22.44 -0.17
CA ARG C 94 1.44 21.21 -0.96
C ARG C 94 1.94 20.03 -0.15
N CYS C 95 1.62 18.83 -0.61
CA CYS C 95 1.98 17.62 0.09
C CYS C 95 3.42 17.22 -0.18
N VAL C 96 4.08 16.70 0.85
CA VAL C 96 5.42 16.15 0.70
C VAL C 96 5.40 15.08 -0.38
N PRO C 97 6.50 14.98 -1.14
CA PRO C 97 6.54 13.98 -2.22
C PRO C 97 6.69 12.58 -1.67
N ARG C 98 6.14 11.59 -2.38
CA ARG C 98 6.40 10.21 -2.01
C ARG C 98 7.83 9.93 -2.40
N ALA C 99 8.72 9.97 -1.43
CA ALA C 99 10.14 9.90 -1.73
C ALA C 99 10.65 8.46 -1.83
N GLU C 100 10.45 7.82 -2.98
CA GLU C 100 11.08 6.52 -3.21
C GLU C 100 12.58 6.68 -2.96
N HIS C 101 13.12 7.79 -3.42
CA HIS C 101 14.50 8.16 -3.18
C HIS C 101 14.49 9.36 -2.25
N PRO C 102 15.55 9.52 -1.46
CA PRO C 102 15.60 10.71 -0.60
C PRO C 102 15.48 12.00 -1.40
N VAL C 103 14.86 13.02 -0.79
CA VAL C 103 14.68 14.30 -1.45
C VAL C 103 15.13 15.41 -0.50
N TYR C 104 16.21 16.10 -0.87
CA TYR C 104 16.83 17.07 0.04
C TYR C 104 16.22 18.48 -0.05
N ASN C 105 15.81 18.88 -1.25
CA ASN C 105 15.16 20.17 -1.44
C ASN C 105 14.24 20.16 -2.66
N MSE C 106 13.63 21.29 -2.94
CA MSE C 106 12.70 21.40 -4.07
C MSE C 106 13.21 22.36 -5.15
O MSE C 106 12.43 22.91 -5.91
CB MSE C 106 11.32 21.85 -3.57
CG MSE C 106 10.71 20.88 -2.59
SE MSE C 106 10.36 19.16 -3.41
CE MSE C 106 8.60 19.53 -4.14
N VAL C 107 14.52 22.52 -5.20
CA VAL C 107 15.14 23.37 -6.21
C VAL C 107 14.68 23.01 -7.62
N MSE C 108 14.75 21.73 -7.96
CA MSE C 108 14.42 21.29 -9.31
C MSE C 108 13.06 20.63 -9.39
O MSE C 108 12.81 19.80 -10.28
CB MSE C 108 15.50 20.34 -9.84
CG MSE C 108 16.83 21.01 -10.04
SE MSE C 108 18.14 19.77 -10.74
CE MSE C 108 17.46 19.60 -12.57
N SER C 109 12.20 21.00 -8.46
CA SER C 109 10.88 20.38 -8.33
C SER C 109 10.15 20.18 -9.65
N ASP C 110 9.94 21.25 -10.41
CA ASP C 110 9.15 21.18 -11.63
C ASP C 110 9.85 20.42 -12.78
N VAL C 111 11.15 20.18 -12.64
CA VAL C 111 11.95 19.57 -13.72
C VAL C 111 11.84 18.05 -13.86
N THR C 112 11.74 17.58 -15.10
CA THR C 112 11.88 16.16 -15.40
C THR C 112 12.98 15.98 -16.44
N ILE C 113 13.98 15.15 -16.14
CA ILE C 113 15.08 14.94 -17.07
C ILE C 113 15.16 13.50 -17.58
N SER C 114 15.90 13.35 -18.66
CA SER C 114 16.34 12.05 -19.12
C SER C 114 17.79 12.20 -19.57
N CYS C 115 18.48 11.08 -19.73
CA CYS C 115 19.90 11.11 -19.97
C CYS C 115 20.28 10.34 -21.21
N THR C 116 21.35 10.80 -21.88
CA THR C 116 21.90 10.07 -23.00
C THR C 116 23.38 10.42 -23.18
N SER C 117 24.14 9.47 -23.73
CA SER C 117 25.57 9.67 -24.01
C SER C 117 26.38 10.08 -22.80
N LEU C 118 26.16 9.39 -21.68
CA LEU C 118 26.96 9.61 -20.47
C LEU C 118 27.59 8.31 -20.02
N GLU C 119 28.68 8.43 -19.25
CA GLU C 119 29.29 7.28 -18.60
C GLU C 119 28.40 6.83 -17.45
N LYS C 120 28.34 5.53 -17.22
CA LYS C 120 27.49 4.96 -16.18
C LYS C 120 27.57 5.70 -14.84
N GLU C 121 28.78 6.02 -14.40
CA GLU C 121 28.96 6.73 -13.14
C GLU C 121 28.39 8.15 -13.21
N LYS C 122 28.62 8.81 -14.33
CA LYS C 122 28.15 10.19 -14.52
C LYS C 122 26.62 10.29 -14.45
N ARG C 123 25.95 9.39 -15.18
CA ARG C 123 24.50 9.36 -15.19
C ARG C 123 23.95 9.13 -13.79
N GLU C 124 24.57 8.22 -13.03
CA GLU C 124 24.16 7.99 -11.67
C GLU C 124 24.30 9.25 -10.82
N GLU C 125 25.41 9.97 -11.00
CA GLU C 125 25.62 11.22 -10.29
C GLU C 125 24.49 12.18 -10.63
N VAL C 126 24.16 12.25 -11.91
CA VAL C 126 23.16 13.20 -12.39
C VAL C 126 21.81 12.82 -11.81
N HIS C 127 21.44 11.56 -11.99
CA HIS C 127 20.21 11.02 -11.44
C HIS C 127 20.06 11.39 -9.97
N LYS C 128 21.08 11.04 -9.19
CA LYS C 128 21.03 11.26 -7.75
C LYS C 128 20.76 12.72 -7.42
N TYR C 129 21.49 13.62 -8.09
CA TYR C 129 21.41 15.03 -7.76
C TYR C 129 20.04 15.62 -8.07
N VAL C 130 19.43 15.18 -9.17
CA VAL C 130 18.14 15.68 -9.59
C VAL C 130 17.05 15.18 -8.66
N GLN C 131 17.24 13.95 -8.18
CA GLN C 131 16.31 13.37 -7.23
C GLN C 131 16.37 14.07 -5.88
N MSE C 132 17.55 14.54 -5.52
CA MSE C 132 17.73 15.21 -4.25
C MSE C 132 17.26 16.66 -4.32
O MSE C 132 17.17 17.34 -3.29
CB MSE C 132 19.20 15.15 -3.81
CG MSE C 132 19.61 13.78 -3.27
SE MSE C 132 21.49 13.71 -2.78
CE MSE C 132 21.50 15.25 -1.61
N MSE C 133 16.96 17.11 -5.52
CA MSE C 133 16.45 18.47 -5.71
C MSE C 133 14.98 18.51 -6.13
O MSE C 133 14.44 19.56 -6.48
CB MSE C 133 17.34 19.25 -6.69
CG MSE C 133 18.63 19.75 -6.05
SE MSE C 133 19.73 20.89 -7.20
CE MSE C 133 20.49 19.50 -8.34
N GLY C 134 14.32 17.35 -6.09
CA GLY C 134 12.89 17.29 -6.25
C GLY C 134 12.39 17.10 -7.67
N GLY C 135 13.28 16.67 -8.56
CA GLY C 135 12.91 16.48 -9.95
C GLY C 135 12.69 15.02 -10.25
N ARG C 136 12.20 14.72 -11.45
CA ARG C 136 11.97 13.33 -11.86
C ARG C 136 12.96 12.86 -12.93
N VAL C 137 13.19 11.56 -12.97
CA VAL C 137 14.14 10.97 -13.88
C VAL C 137 13.51 9.81 -14.65
N TYR C 138 13.55 9.88 -15.97
CA TYR C 138 13.07 8.79 -16.82
C TYR C 138 14.22 8.18 -17.62
N ARG C 139 14.42 6.87 -17.46
CA ARG C 139 15.37 6.15 -18.29
C ARG C 139 15.08 6.44 -19.75
N ASP C 140 13.80 6.35 -20.11
CA ASP C 140 13.38 6.56 -21.49
C ASP C 140 12.82 7.95 -21.71
N LEU C 141 12.86 8.41 -22.94
CA LEU C 141 12.41 9.75 -23.29
C LEU C 141 10.90 9.78 -23.46
N ASN C 142 10.30 10.92 -23.14
CA ASN C 142 8.88 11.16 -23.38
C ASN C 142 8.55 12.65 -23.26
N VAL C 143 7.41 13.07 -23.80
CA VAL C 143 7.04 14.48 -23.82
C VAL C 143 7.01 15.17 -22.45
N SER C 144 6.94 14.40 -21.37
CA SER C 144 6.90 14.98 -20.03
C SER C 144 8.27 15.53 -19.63
N VAL C 145 9.31 15.03 -20.30
CA VAL C 145 10.66 15.46 -20.02
C VAL C 145 10.84 16.93 -20.36
N THR C 146 11.24 17.73 -19.38
CA THR C 146 11.45 19.15 -19.60
C THR C 146 12.84 19.44 -20.15
N HIS C 147 13.83 18.65 -19.73
CA HIS C 147 15.23 18.87 -20.13
C HIS C 147 15.96 17.55 -20.40
N LEU C 148 16.68 17.48 -21.52
CA LEU C 148 17.52 16.31 -21.75
C LEU C 148 18.94 16.64 -21.33
N ILE C 149 19.58 15.67 -20.67
CA ILE C 149 20.96 15.83 -20.26
C ILE C 149 21.82 15.00 -21.19
N ALA C 150 22.69 15.68 -21.95
CA ALA C 150 23.54 15.00 -22.93
C ALA C 150 25.02 15.33 -22.72
N GLY C 151 25.86 14.32 -22.88
CA GLY C 151 27.29 14.51 -22.74
C GLY C 151 27.91 14.65 -24.12
N GLU C 152 27.25 14.02 -25.08
CA GLU C 152 27.64 14.00 -26.48
C GLU C 152 26.42 14.17 -27.34
N VAL C 153 26.64 14.30 -28.64
CA VAL C 153 25.58 14.46 -29.60
C VAL C 153 25.59 13.26 -30.54
N GLY C 154 24.46 13.00 -31.21
CA GLY C 154 24.36 11.91 -32.15
C GLY C 154 23.45 10.73 -31.83
N SER C 155 23.08 10.56 -30.57
CA SER C 155 22.27 9.40 -30.17
C SER C 155 20.83 9.47 -30.65
N LYS C 156 20.18 8.31 -30.79
CA LYS C 156 18.78 8.22 -31.18
C LYS C 156 17.93 9.11 -30.28
N LYS C 157 18.22 9.06 -28.99
CA LYS C 157 17.46 9.84 -28.02
C LYS C 157 17.73 11.33 -28.22
N TYR C 158 19.00 11.68 -28.32
CA TYR C 158 19.42 13.06 -28.59
C TYR C 158 18.62 13.66 -29.75
N LEU C 159 18.39 12.85 -30.78
CA LEU C 159 17.71 13.33 -31.99
C LEU C 159 16.22 13.58 -31.79
N VAL C 160 15.57 12.68 -31.06
CA VAL C 160 14.15 12.84 -30.80
C VAL C 160 13.92 14.11 -30.00
N ALA C 161 14.79 14.37 -29.03
CA ALA C 161 14.65 15.56 -28.19
C ALA C 161 14.85 16.81 -29.03
N ALA C 162 15.81 16.74 -29.94
CA ALA C 162 16.06 17.83 -30.88
C ALA C 162 14.89 18.04 -31.82
N ASN C 163 14.38 16.96 -32.40
CA ASN C 163 13.18 17.02 -33.22
C ASN C 163 11.99 17.58 -32.44
N LEU C 164 11.93 17.28 -31.14
CA LEU C 164 10.90 17.84 -30.27
C LEU C 164 11.27 19.22 -29.79
N LYS C 165 12.47 19.67 -30.19
CA LYS C 165 12.97 20.98 -29.78
C LYS C 165 13.08 21.12 -28.26
N LYS C 166 13.47 20.02 -27.61
CA LYS C 166 13.69 20.02 -26.17
C LYS C 166 15.06 20.60 -25.84
N PRO C 167 15.13 21.41 -24.77
CA PRO C 167 16.41 21.93 -24.28
C PRO C 167 17.36 20.77 -23.99
N ILE C 168 18.52 20.77 -24.63
CA ILE C 168 19.52 19.72 -24.42
C ILE C 168 20.71 20.32 -23.71
N LEU C 169 20.90 19.93 -22.45
CA LEU C 169 21.87 20.58 -21.58
C LEU C 169 22.99 19.63 -21.18
N LEU C 170 24.14 20.21 -20.85
CA LEU C 170 25.28 19.44 -20.36
C LEU C 170 25.03 19.03 -18.91
N PRO C 171 25.74 18.00 -18.44
CA PRO C 171 25.66 17.57 -17.04
C PRO C 171 26.02 18.68 -16.07
N SER C 172 26.98 19.51 -16.45
CA SER C 172 27.43 20.63 -15.63
C SER C 172 26.28 21.53 -15.16
N TRP C 173 25.15 21.47 -15.86
CA TRP C 173 23.96 22.21 -15.45
C TRP C 173 23.48 21.72 -14.08
N ILE C 174 23.43 20.40 -13.93
CA ILE C 174 22.97 19.79 -12.68
C ILE C 174 23.91 20.13 -11.53
N LYS C 175 25.20 19.87 -11.76
CA LYS C 175 26.24 20.18 -10.80
C LYS C 175 26.15 21.63 -10.31
N THR C 176 26.05 22.56 -11.25
CA THR C 176 25.96 23.97 -10.88
C THR C 176 24.75 24.22 -10.00
N LEU C 177 23.61 23.66 -10.42
CA LEU C 177 22.38 23.77 -9.64
C LEU C 177 22.59 23.29 -8.21
N TRP C 178 23.27 22.16 -8.07
CA TRP C 178 23.54 21.62 -6.75
C TRP C 178 24.45 22.53 -5.92
N GLU C 179 25.60 22.87 -6.48
CA GLU C 179 26.59 23.69 -5.79
C GLU C 179 26.03 25.06 -5.45
N LYS C 180 25.43 25.72 -6.43
CA LYS C 180 24.77 27.00 -6.20
C LYS C 180 23.72 26.85 -5.11
N SER C 181 23.14 25.66 -5.04
CA SER C 181 22.11 25.35 -4.06
C SER C 181 22.69 25.25 -2.65
N GLN C 182 23.63 24.33 -2.47
CA GLN C 182 24.27 24.11 -1.18
C GLN C 182 24.85 25.41 -0.62
N GLU C 183 25.41 26.23 -1.50
CA GLU C 183 26.05 27.47 -1.07
C GLU C 183 25.01 28.55 -0.76
N LYS C 184 23.74 28.17 -0.77
CA LYS C 184 22.65 29.09 -0.43
C LYS C 184 22.62 30.29 -1.37
N LYS C 185 22.97 30.06 -2.64
CA LYS C 185 22.99 31.12 -3.63
C LYS C 185 21.72 31.11 -4.49
N ILE C 186 21.32 29.93 -4.94
CA ILE C 186 20.09 29.79 -5.71
C ILE C 186 19.05 28.98 -4.94
N THR C 187 17.78 29.11 -5.32
CA THR C 187 16.72 28.39 -4.65
C THR C 187 15.84 27.65 -5.64
N ARG C 188 15.90 28.07 -6.90
CA ARG C 188 15.08 27.49 -7.95
C ARG C 188 15.93 27.35 -9.21
N TYR C 189 15.71 26.29 -9.99
CA TYR C 189 16.57 26.02 -11.13
C TYR C 189 16.55 27.16 -12.16
N THR C 190 15.50 27.96 -12.11
CA THR C 190 15.33 29.08 -13.03
C THR C 190 16.12 30.31 -12.58
N ASP C 191 16.93 30.16 -11.54
CA ASP C 191 17.73 31.26 -11.03
C ASP C 191 19.04 31.40 -11.81
N ILE C 192 19.58 30.26 -12.26
CA ILE C 192 20.75 30.30 -13.14
C ILE C 192 20.30 30.32 -14.59
N ASN C 193 21.14 30.90 -15.45
CA ASN C 193 20.81 30.95 -16.88
C ASN C 193 21.07 29.62 -17.57
N MSE C 194 20.01 29.07 -18.16
CA MSE C 194 20.07 27.78 -18.82
C MSE C 194 20.96 27.82 -20.06
O MSE C 194 21.65 26.85 -20.37
CB MSE C 194 18.65 27.32 -19.19
CG MSE C 194 18.57 26.00 -19.91
SE MSE C 194 16.75 25.54 -20.38
CE MSE C 194 16.14 27.30 -20.95
N GLU C 195 20.94 28.95 -20.77
CA GLU C 195 21.69 29.09 -22.01
C GLU C 195 23.16 28.73 -21.85
N ASP C 196 23.73 29.14 -20.72
CA ASP C 196 25.16 28.95 -20.47
C ASP C 196 25.55 27.49 -20.64
N PHE C 197 24.61 26.59 -20.39
CA PHE C 197 24.91 25.16 -20.38
C PHE C 197 24.30 24.41 -21.57
N LYS C 198 23.96 25.13 -22.63
CA LYS C 198 23.50 24.49 -23.85
C LYS C 198 24.56 23.49 -24.31
N CYS C 199 24.12 22.39 -24.90
CA CYS C 199 25.05 21.43 -25.48
C CYS C 199 25.40 21.90 -26.89
N PRO C 200 26.69 22.13 -27.15
CA PRO C 200 27.18 22.56 -28.47
C PRO C 200 26.74 21.58 -29.55
N ILE C 201 26.61 22.08 -30.77
CA ILE C 201 26.10 21.29 -31.88
C ILE C 201 26.99 20.11 -32.24
N PHE C 202 28.30 20.26 -32.07
CA PHE C 202 29.23 19.20 -32.46
C PHE C 202 30.04 18.71 -31.28
N LEU C 203 29.46 18.78 -30.09
CA LEU C 203 30.12 18.28 -28.89
C LEU C 203 30.36 16.78 -29.02
N GLY C 204 31.63 16.40 -29.01
CA GLY C 204 32.00 14.99 -29.14
C GLY C 204 32.23 14.57 -30.57
N CYS C 205 32.27 15.57 -31.46
CA CYS C 205 32.58 15.31 -32.87
C CYS C 205 34.05 15.60 -33.14
N ILE C 206 34.71 14.69 -33.84
CA ILE C 206 36.04 14.97 -34.39
C ILE C 206 35.99 14.87 -35.90
N ILE C 207 35.92 16.03 -36.56
CA ILE C 207 35.63 16.11 -37.99
C ILE C 207 36.87 16.20 -38.89
N CYS C 208 36.83 15.46 -40.00
CA CYS C 208 37.90 15.48 -40.98
C CYS C 208 37.31 15.75 -42.36
N VAL C 209 38.03 16.53 -43.16
CA VAL C 209 37.57 16.92 -44.49
C VAL C 209 38.46 16.33 -45.56
N THR C 210 37.89 16.05 -46.73
CA THR C 210 38.66 15.54 -47.87
C THR C 210 38.06 16.02 -49.17
N GLY C 211 38.90 16.61 -50.02
CA GLY C 211 38.50 16.97 -51.36
C GLY C 211 37.93 18.37 -51.49
N LEU C 212 38.12 19.18 -50.46
CA LEU C 212 37.67 20.57 -50.53
C LEU C 212 38.86 21.51 -50.60
N CYS C 213 38.75 22.54 -51.43
CA CYS C 213 39.82 23.51 -51.54
C CYS C 213 40.14 24.07 -50.16
N GLY C 214 41.37 24.53 -49.97
CA GLY C 214 41.80 25.06 -48.70
C GLY C 214 40.83 26.08 -48.14
N LEU C 215 40.15 26.80 -49.03
CA LEU C 215 39.22 27.83 -48.60
C LEU C 215 38.08 27.22 -47.80
N ASP C 216 37.41 26.24 -48.41
CA ASP C 216 36.28 25.56 -47.79
C ASP C 216 36.69 24.74 -46.57
N ARG C 217 37.68 23.88 -46.77
CA ARG C 217 38.24 23.09 -45.67
C ARG C 217 38.46 23.99 -44.46
N LYS C 218 38.87 25.22 -44.75
CA LYS C 218 39.13 26.21 -43.71
C LYS C 218 37.82 26.66 -43.06
N GLU C 219 36.75 26.70 -43.84
CA GLU C 219 35.46 27.18 -43.35
C GLU C 219 34.85 26.25 -42.30
N VAL C 220 34.95 24.94 -42.50
CA VAL C 220 34.43 24.00 -41.51
C VAL C 220 35.33 24.01 -40.28
N GLN C 221 36.63 24.20 -40.49
CA GLN C 221 37.58 24.27 -39.40
C GLN C 221 37.15 25.37 -38.45
N GLN C 222 36.81 26.53 -39.01
CA GLN C 222 36.30 27.64 -38.22
C GLN C 222 34.98 27.26 -37.52
N LEU C 223 33.99 26.83 -38.29
CA LEU C 223 32.65 26.54 -37.76
C LEU C 223 32.64 25.35 -36.79
N THR C 224 33.54 24.39 -37.01
CA THR C 224 33.65 23.21 -36.16
C THR C 224 34.00 23.57 -34.72
N VAL C 225 35.05 24.38 -34.58
CA VAL C 225 35.51 24.80 -33.27
C VAL C 225 34.51 25.73 -32.63
N LYS C 226 33.99 26.67 -33.42
CA LYS C 226 32.97 27.60 -32.95
C LYS C 226 31.78 26.89 -32.30
N HIS C 227 31.40 25.73 -32.86
CA HIS C 227 30.20 25.04 -32.40
C HIS C 227 30.47 23.82 -31.52
N GLY C 228 31.61 23.82 -30.83
CA GLY C 228 31.86 22.83 -29.79
C GLY C 228 32.58 21.58 -30.23
N GLY C 229 32.75 21.41 -31.52
CA GLY C 229 33.46 20.25 -32.04
C GLY C 229 34.96 20.44 -32.08
N GLN C 230 35.65 19.41 -32.57
CA GLN C 230 37.08 19.50 -32.82
C GLN C 230 37.40 19.24 -34.28
N TYR C 231 38.28 20.06 -34.85
CA TYR C 231 38.74 19.84 -36.22
C TYR C 231 40.07 19.12 -36.23
N MSE C 232 40.29 18.29 -37.26
CA MSE C 232 41.54 17.59 -37.42
C MSE C 232 42.05 17.74 -38.84
O MSE C 232 41.29 17.60 -39.80
CB MSE C 232 41.37 16.10 -37.10
CG MSE C 232 41.22 15.81 -35.62
SE MSE C 232 42.73 14.84 -34.87
CE MSE C 232 42.38 13.10 -35.70
N GLY C 233 43.34 18.04 -38.98
CA GLY C 233 43.95 18.17 -40.28
C GLY C 233 44.03 16.83 -40.99
N GLN C 234 44.39 15.80 -40.24
CA GLN C 234 44.58 14.48 -40.84
C GLN C 234 43.62 13.45 -40.24
N LEU C 235 43.14 12.53 -41.09
CA LEU C 235 42.24 11.52 -40.60
C LEU C 235 43.09 10.55 -39.82
N LYS C 236 42.71 10.32 -38.57
CA LYS C 236 43.42 9.41 -37.69
C LYS C 236 42.45 8.38 -37.16
N MSE C 237 42.83 7.12 -37.20
CA MSE C 237 41.95 6.08 -36.69
C MSE C 237 41.71 6.20 -35.20
O MSE C 237 42.64 6.35 -34.42
CB MSE C 237 42.51 4.71 -36.98
CG MSE C 237 41.85 3.63 -36.15
SE MSE C 237 42.41 1.85 -36.65
CE MSE C 237 41.71 1.81 -38.46
N ASN C 238 40.44 6.13 -34.81
CA ASN C 238 40.05 6.21 -33.42
C ASN C 238 40.00 7.64 -32.92
N GLU C 239 40.35 8.59 -33.80
CA GLU C 239 40.33 9.99 -33.43
C GLU C 239 39.36 10.81 -34.26
N CYS C 240 38.67 10.15 -35.19
CA CYS C 240 37.73 10.85 -36.05
C CYS C 240 36.33 10.25 -36.02
N THR C 241 35.33 11.07 -35.75
CA THR C 241 33.95 10.57 -35.75
C THR C 241 33.30 10.76 -37.11
N HIS C 242 33.55 11.91 -37.73
CA HIS C 242 32.94 12.25 -39.02
C HIS C 242 34.00 12.61 -40.05
N LEU C 243 33.89 11.99 -41.23
CA LEU C 243 34.64 12.41 -42.40
C LEU C 243 33.69 13.02 -43.44
N ILE C 244 33.79 14.32 -43.62
CA ILE C 244 33.01 15.03 -44.62
C ILE C 244 33.59 14.84 -46.03
N VAL C 245 32.92 14.00 -46.82
CA VAL C 245 33.37 13.64 -48.16
C VAL C 245 32.23 13.75 -49.15
N GLN C 246 32.51 14.29 -50.32
CA GLN C 246 31.50 14.47 -51.35
C GLN C 246 31.20 13.19 -52.14
N GLU C 247 32.24 12.45 -52.52
CA GLU C 247 32.04 11.24 -53.31
C GLU C 247 32.69 10.03 -52.67
N PRO C 248 32.15 8.87 -52.98
CA PRO C 248 32.65 7.62 -52.42
C PRO C 248 33.85 7.09 -53.17
N LYS C 249 34.97 7.79 -53.04
CA LYS C 249 36.20 7.38 -53.68
C LYS C 249 37.37 8.04 -52.98
N GLY C 250 38.56 7.47 -53.12
CA GLY C 250 39.73 8.07 -52.52
C GLY C 250 40.16 7.26 -51.32
N GLN C 251 41.47 7.04 -51.21
CA GLN C 251 42.03 6.21 -50.15
C GLN C 251 41.47 6.59 -48.78
N LYS C 252 41.34 7.89 -48.55
CA LYS C 252 40.90 8.40 -47.25
C LYS C 252 39.47 7.94 -46.93
N TYR C 253 38.65 7.84 -47.97
CA TYR C 253 37.29 7.35 -47.82
C TYR C 253 37.33 5.88 -47.43
N GLU C 254 37.98 5.07 -48.25
CA GLU C 254 38.10 3.63 -48.01
C GLU C 254 38.50 3.34 -46.57
N CYS C 255 39.48 4.09 -46.08
CA CYS C 255 39.97 3.90 -44.72
C CYS C 255 38.90 4.27 -43.70
N ALA C 256 38.41 5.50 -43.77
CA ALA C 256 37.36 5.94 -42.85
C ALA C 256 36.18 4.98 -42.91
N LYS C 257 35.86 4.55 -44.13
CA LYS C 257 34.77 3.61 -44.36
C LYS C 257 35.15 2.21 -43.88
N ARG C 258 36.38 2.07 -43.38
CA ARG C 258 36.88 0.79 -42.92
C ARG C 258 37.03 0.74 -41.41
N TRP C 259 36.98 1.92 -40.77
CA TRP C 259 36.97 1.99 -39.31
C TRP C 259 35.60 2.44 -38.82
N ASN C 260 34.56 2.07 -39.56
CA ASN C 260 33.19 2.45 -39.21
C ASN C 260 33.06 3.93 -38.83
N VAL C 261 33.67 4.79 -39.64
CA VAL C 261 33.56 6.23 -39.46
C VAL C 261 32.39 6.76 -40.27
N HIS C 262 31.71 7.76 -39.73
CA HIS C 262 30.65 8.44 -40.46
C HIS C 262 31.19 9.17 -41.68
N CYS C 263 30.74 8.76 -42.87
CA CYS C 263 31.12 9.45 -44.09
C CYS C 263 29.93 10.24 -44.64
N VAL C 264 29.95 11.54 -44.45
CA VAL C 264 28.82 12.38 -44.85
C VAL C 264 29.21 13.51 -45.80
N THR C 265 28.25 13.99 -46.58
CA THR C 265 28.48 15.11 -47.46
C THR C 265 28.43 16.41 -46.66
N THR C 266 28.78 17.52 -47.29
CA THR C 266 28.84 18.80 -46.60
C THR C 266 27.47 19.27 -46.13
N GLN C 267 26.41 18.76 -46.75
CA GLN C 267 25.06 19.09 -46.32
C GLN C 267 24.91 18.88 -44.83
N TRP C 268 25.34 17.71 -44.36
CA TRP C 268 25.27 17.36 -42.95
C TRP C 268 25.82 18.46 -42.07
N PHE C 269 27.01 18.94 -42.41
CA PHE C 269 27.70 19.91 -41.57
C PHE C 269 26.93 21.21 -41.49
N PHE C 270 26.44 21.68 -42.64
CA PHE C 270 25.79 22.98 -42.70
C PHE C 270 24.33 22.93 -42.29
N ASP C 271 23.70 21.77 -42.47
CA ASP C 271 22.35 21.56 -41.97
C ASP C 271 22.33 21.58 -40.46
N SER C 272 23.36 21.00 -39.85
CA SER C 272 23.43 20.90 -38.41
C SER C 272 23.52 22.27 -37.78
N ILE C 273 24.29 23.16 -38.40
CA ILE C 273 24.43 24.52 -37.87
C ILE C 273 23.13 25.26 -38.06
N GLU C 274 22.43 24.95 -39.16
CA GLU C 274 21.19 25.61 -39.52
C GLU C 274 20.02 25.17 -38.64
N LYS C 275 19.79 23.86 -38.56
CA LYS C 275 18.74 23.31 -37.72
C LYS C 275 19.04 23.43 -36.23
N GLY C 276 20.33 23.54 -35.89
CA GLY C 276 20.71 23.76 -34.51
C GLY C 276 21.11 22.53 -33.72
N PHE C 277 21.29 21.41 -34.40
CA PHE C 277 21.79 20.20 -33.75
C PHE C 277 22.44 19.27 -34.74
N CYS C 278 23.27 18.38 -34.24
CA CYS C 278 23.90 17.36 -35.07
C CYS C 278 22.83 16.45 -35.71
N GLN C 279 22.75 16.51 -37.03
CA GLN C 279 21.76 15.75 -37.78
C GLN C 279 22.11 14.28 -37.88
N ASP C 280 21.09 13.47 -38.17
CA ASP C 280 21.25 12.03 -38.36
C ASP C 280 22.19 11.78 -39.53
N GLU C 281 23.30 11.10 -39.28
CA GLU C 281 24.31 10.88 -40.32
C GLU C 281 23.86 9.93 -41.41
N SER C 282 22.97 8.99 -41.08
CA SER C 282 22.55 7.98 -42.06
C SER C 282 21.77 8.58 -43.21
N ILE C 283 21.36 9.83 -43.06
CA ILE C 283 20.61 10.54 -44.09
C ILE C 283 21.53 11.25 -45.08
N TYR C 284 22.76 11.54 -44.66
CA TYR C 284 23.72 12.30 -45.47
C TYR C 284 24.87 11.43 -45.95
N LYS C 285 24.65 10.12 -45.96
CA LYS C 285 25.73 9.19 -46.31
C LYS C 285 26.34 9.49 -47.68
N THR C 286 27.66 9.46 -47.74
CA THR C 286 28.39 9.68 -48.99
C THR C 286 28.02 8.62 -50.03
N GLU C 287 27.78 7.40 -49.58
CA GLU C 287 27.29 6.34 -50.46
C GLU C 287 25.84 5.97 -50.12
N PRO C 288 24.88 6.55 -50.84
CA PRO C 288 23.44 6.39 -50.59
C PRO C 288 22.93 4.97 -50.79
N ARG C 289 23.73 4.10 -51.40
CA ARG C 289 23.28 2.74 -51.66
C ARG C 289 24.22 1.70 -51.07
N PRO C 290 23.63 0.66 -50.45
CA PRO C 290 24.36 -0.42 -49.78
C PRO C 290 24.87 -1.47 -50.77
N GLY D 1 24.67 17.73 -73.57
CA GLY D 1 23.47 17.85 -74.39
C GLY D 1 23.13 16.54 -75.08
N PRO D 2 22.35 16.62 -76.18
CA PRO D 2 21.98 15.45 -77.00
C PRO D 2 23.19 14.82 -77.69
N MSE D 3 23.02 13.66 -78.31
CA MSE D 3 24.16 12.90 -78.83
C MSE D 3 25.30 13.56 -79.60
O MSE D 3 26.47 13.21 -79.40
CB MSE D 3 23.63 11.70 -79.60
CG MSE D 3 23.03 10.67 -78.70
SE MSE D 3 21.40 10.00 -79.47
CE MSE D 3 20.73 9.00 -77.93
N SER D 4 24.98 14.49 -80.47
CA SER D 4 26.01 15.22 -81.19
C SER D 4 26.59 16.33 -80.30
N ARG D 5 25.76 16.83 -79.40
CA ARG D 5 26.15 17.91 -78.50
C ARG D 5 26.86 17.42 -77.25
N ASN D 6 26.40 16.28 -76.74
CA ASN D 6 26.96 15.66 -75.53
C ASN D 6 28.37 15.16 -75.69
N ASP D 7 29.15 15.28 -74.62
CA ASP D 7 30.54 14.82 -74.65
C ASP D 7 30.76 13.36 -74.32
N LYS D 8 30.34 12.48 -75.23
CA LYS D 8 30.52 11.05 -75.05
C LYS D 8 30.75 10.37 -76.39
N GLU D 9 31.50 9.28 -76.37
CA GLU D 9 31.79 8.54 -77.59
C GLU D 9 30.49 8.11 -78.25
N PRO D 10 30.29 8.49 -79.52
CA PRO D 10 29.08 8.19 -80.28
C PRO D 10 28.71 6.71 -80.21
N PHE D 11 27.44 6.43 -79.93
CA PHE D 11 26.95 5.06 -79.89
C PHE D 11 25.84 4.88 -80.91
N PHE D 12 25.52 3.63 -81.23
CA PHE D 12 24.49 3.33 -82.22
C PHE D 12 23.08 3.32 -81.63
N VAL D 13 22.30 4.33 -81.99
CA VAL D 13 20.90 4.42 -81.59
C VAL D 13 20.03 3.63 -82.56
N LYS D 14 19.42 2.55 -82.07
CA LYS D 14 18.66 1.65 -82.93
C LYS D 14 17.16 1.66 -82.63
N PHE D 15 16.36 2.02 -83.62
CA PHE D 15 14.91 2.01 -83.48
C PHE D 15 14.35 0.65 -83.90
N LEU D 16 13.57 0.03 -83.03
CA LEU D 16 12.95 -1.24 -83.37
C LEU D 16 11.57 -1.03 -83.99
N LYS D 17 11.44 -1.37 -85.27
CA LYS D 17 10.16 -1.21 -85.93
C LYS D 17 9.26 -2.42 -85.70
N SER D 18 8.06 -2.16 -85.21
CA SER D 18 7.02 -3.18 -85.08
C SER D 18 5.71 -2.59 -85.58
N SER D 19 4.66 -3.40 -85.62
CA SER D 19 3.35 -2.92 -86.02
C SER D 19 2.71 -2.12 -84.90
N ASP D 20 3.16 -2.37 -83.67
CA ASP D 20 2.68 -1.64 -82.51
C ASP D 20 3.24 -0.22 -82.50
N ASN D 21 4.04 0.10 -83.52
CA ASN D 21 4.65 1.42 -83.63
C ASN D 21 3.63 2.55 -83.66
N SER D 22 3.75 3.46 -82.70
CA SER D 22 2.84 4.58 -82.58
C SER D 22 3.38 5.81 -83.29
N LYS D 23 2.60 6.87 -83.29
CA LYS D 23 3.01 8.15 -83.87
C LYS D 23 4.22 8.68 -83.12
N CYS D 24 4.33 8.33 -81.85
CA CYS D 24 5.48 8.69 -81.01
C CYS D 24 6.78 8.24 -81.64
N PHE D 25 6.81 6.97 -82.02
CA PHE D 25 8.01 6.36 -82.58
C PHE D 25 8.57 7.21 -83.72
N PHE D 26 7.69 7.66 -84.60
CA PHE D 26 8.10 8.44 -85.75
C PHE D 26 8.54 9.85 -85.38
N LYS D 27 7.85 10.49 -84.43
CA LYS D 27 8.27 11.80 -83.97
C LYS D 27 9.64 11.72 -83.32
N ALA D 28 9.89 10.66 -82.57
CA ALA D 28 11.15 10.50 -81.85
C ALA D 28 12.31 10.34 -82.82
N LEU D 29 12.09 9.58 -83.89
CA LEU D 29 13.11 9.36 -84.89
C LEU D 29 13.45 10.68 -85.58
N GLU D 30 12.44 11.51 -85.82
CA GLU D 30 12.63 12.81 -86.45
C GLU D 30 13.32 13.81 -85.51
N SER D 31 13.13 13.62 -84.20
CA SER D 31 13.70 14.54 -83.23
C SER D 31 15.20 14.33 -83.10
N ILE D 32 15.62 13.09 -83.30
CA ILE D 32 16.98 12.71 -82.96
C ILE D 32 17.95 12.97 -84.12
N LYS D 33 17.39 13.01 -85.33
CA LYS D 33 18.17 13.33 -86.51
C LYS D 33 18.72 14.75 -86.41
N GLU D 34 18.08 15.56 -85.59
CA GLU D 34 18.53 16.92 -85.35
C GLU D 34 19.90 16.92 -84.67
N PHE D 35 20.18 15.83 -83.95
CA PHE D 35 21.38 15.77 -83.13
C PHE D 35 22.24 14.53 -83.36
N GLN D 36 22.10 13.88 -84.51
CA GLN D 36 22.93 12.70 -84.77
C GLN D 36 23.00 12.27 -86.23
N SER D 37 24.13 11.68 -86.59
CA SER D 37 24.38 11.19 -87.94
C SER D 37 23.30 10.20 -88.37
N GLU D 38 22.90 10.27 -89.63
CA GLU D 38 21.94 9.33 -90.19
C GLU D 38 22.54 7.94 -90.17
N GLU D 39 23.87 7.89 -90.09
CA GLU D 39 24.60 6.62 -90.15
C GLU D 39 24.43 5.80 -88.89
N TYR D 40 24.66 6.44 -87.75
CA TYR D 40 24.52 5.78 -86.46
C TYR D 40 23.08 5.35 -86.23
N LEU D 41 22.15 6.22 -86.57
CA LEU D 41 20.77 5.85 -86.38
C LEU D 41 20.57 4.65 -87.24
N GLN D 42 19.96 3.62 -86.68
CA GLN D 42 19.73 2.39 -87.39
C GLN D 42 18.36 1.92 -87.09
N ILE D 43 17.83 1.05 -87.92
CA ILE D 43 16.49 0.52 -87.66
C ILE D 43 16.52 -1.01 -87.69
N ILE D 44 15.93 -1.63 -86.66
CA ILE D 44 16.01 -3.07 -86.52
C ILE D 44 14.67 -3.77 -86.70
N THR D 45 14.73 -5.00 -87.22
CA THR D 45 13.56 -5.85 -87.34
C THR D 45 13.53 -6.80 -86.16
N GLU D 46 12.34 -7.27 -85.82
CA GLU D 46 12.16 -8.23 -84.73
C GLU D 46 13.28 -9.25 -84.71
N GLU D 47 13.55 -9.85 -85.88
CA GLU D 47 14.56 -10.89 -86.00
C GLU D 47 15.97 -10.38 -85.71
N GLU D 48 16.35 -9.28 -86.35
CA GLU D 48 17.69 -8.73 -86.18
C GLU D 48 18.00 -8.54 -84.71
N ALA D 49 16.98 -8.17 -83.94
CA ALA D 49 17.12 -7.91 -82.52
C ALA D 49 17.39 -9.19 -81.74
N LEU D 50 16.68 -10.26 -82.11
CA LEU D 50 16.86 -11.56 -81.48
C LEU D 50 18.23 -12.13 -81.82
N LYS D 51 18.80 -11.67 -82.92
CA LYS D 51 20.14 -12.11 -83.34
C LYS D 51 21.18 -11.70 -82.30
N ILE D 52 21.06 -10.48 -81.81
CA ILE D 52 22.03 -9.93 -80.85
C ILE D 52 22.23 -10.86 -79.66
N LYS D 53 23.49 -11.15 -79.36
CA LYS D 53 23.81 -12.08 -78.28
C LYS D 53 24.52 -11.38 -77.12
N GLU D 54 25.18 -10.26 -77.42
CA GLU D 54 25.87 -9.50 -76.39
C GLU D 54 25.26 -8.13 -76.19
N ASN D 55 25.82 -7.37 -75.25
CA ASN D 55 25.35 -6.02 -74.98
C ASN D 55 26.21 -4.98 -75.71
N ASP D 56 25.73 -4.56 -76.87
CA ASP D 56 26.49 -3.64 -77.73
C ASP D 56 26.83 -2.32 -77.07
N ARG D 57 26.24 -2.08 -75.90
CA ARG D 57 26.39 -0.78 -75.25
C ARG D 57 25.76 0.28 -76.15
N SER D 58 24.85 -0.17 -77.00
CA SER D 58 24.07 0.71 -77.86
C SER D 58 22.76 1.05 -77.15
N LEU D 59 22.11 2.12 -77.60
CA LEU D 59 20.82 2.51 -77.05
C LEU D 59 19.70 2.00 -77.95
N TYR D 60 18.78 1.22 -77.37
CA TYR D 60 17.65 0.68 -78.12
C TYR D 60 16.35 1.40 -77.77
N ILE D 61 15.49 1.57 -78.77
CA ILE D 61 14.25 2.32 -78.58
C ILE D 61 13.02 1.48 -78.89
N CYS D 62 12.37 0.99 -77.84
CA CYS D 62 11.21 0.12 -77.97
C CYS D 62 9.93 0.70 -77.39
N ASP D 63 8.89 0.69 -78.20
CA ASP D 63 7.56 1.06 -77.76
C ASP D 63 6.67 -0.01 -78.39
N PRO D 64 5.86 -0.73 -77.62
CA PRO D 64 5.72 -0.68 -76.17
C PRO D 64 6.81 -1.41 -75.42
N PHE D 65 6.89 -1.21 -74.11
CA PHE D 65 7.89 -1.88 -73.32
C PHE D 65 7.42 -3.27 -72.96
N SER D 66 7.14 -4.07 -73.98
CA SER D 66 6.66 -5.43 -73.81
C SER D 66 6.86 -6.25 -75.07
N GLY D 67 6.61 -7.54 -74.97
CA GLY D 67 6.75 -8.44 -76.10
C GLY D 67 8.01 -9.25 -76.04
N VAL D 68 8.18 -10.14 -77.00
CA VAL D 68 9.35 -11.02 -77.03
C VAL D 68 10.64 -10.25 -77.32
N VAL D 69 10.57 -9.33 -78.27
CA VAL D 69 11.74 -8.57 -78.69
C VAL D 69 12.28 -7.71 -77.55
N PHE D 70 11.37 -7.01 -76.86
CA PHE D 70 11.76 -6.17 -75.74
C PHE D 70 12.26 -7.01 -74.58
N ASP D 71 11.57 -8.11 -74.31
CA ASP D 71 11.92 -9.01 -73.22
C ASP D 71 13.31 -9.60 -73.43
N HIS D 72 13.63 -9.90 -74.69
CA HIS D 72 14.93 -10.44 -75.05
C HIS D 72 16.04 -9.46 -74.70
N LEU D 73 15.99 -8.30 -75.34
CA LEU D 73 16.96 -7.23 -75.14
C LEU D 73 17.23 -6.90 -73.67
N LYS D 74 16.15 -6.71 -72.92
CA LYS D 74 16.23 -6.31 -71.51
C LYS D 74 17.08 -7.28 -70.66
N LYS D 75 17.00 -8.56 -70.97
CA LYS D 75 17.76 -9.57 -70.23
C LYS D 75 19.25 -9.41 -70.47
N LEU D 76 19.60 -8.97 -71.67
CA LEU D 76 20.99 -8.73 -72.03
C LEU D 76 21.52 -7.50 -71.29
N GLY D 77 20.64 -6.81 -70.58
CA GLY D 77 21.02 -5.59 -69.87
C GLY D 77 21.26 -4.43 -70.81
N CYS D 78 20.60 -4.45 -71.96
CA CYS D 78 20.75 -3.41 -72.97
C CYS D 78 20.05 -2.13 -72.57
N ARG D 79 20.71 -0.99 -72.79
CA ARG D 79 20.07 0.31 -72.63
C ARG D 79 18.83 0.36 -73.51
N ILE D 80 17.68 0.58 -72.88
CA ILE D 80 16.43 0.69 -73.62
C ILE D 80 15.68 1.91 -73.12
N VAL D 81 15.21 2.74 -74.04
CA VAL D 81 14.31 3.83 -73.68
C VAL D 81 13.12 3.81 -74.62
N GLY D 82 12.05 4.49 -74.21
CA GLY D 82 10.90 4.65 -75.09
C GLY D 82 11.07 5.92 -75.90
N PRO D 83 10.30 6.03 -77.00
CA PRO D 83 10.32 7.21 -77.88
C PRO D 83 10.11 8.49 -77.10
N GLN D 84 9.33 8.43 -76.03
CA GLN D 84 9.05 9.59 -75.21
CA GLN D 84 9.07 9.61 -75.23
C GLN D 84 10.34 10.13 -74.59
N VAL D 85 11.19 9.23 -74.14
CA VAL D 85 12.45 9.62 -73.52
C VAL D 85 13.31 10.43 -74.48
N VAL D 86 13.42 9.93 -75.71
CA VAL D 86 14.19 10.60 -76.75
C VAL D 86 13.62 11.98 -77.03
N ILE D 87 12.30 12.02 -77.26
CA ILE D 87 11.62 13.27 -77.56
C ILE D 87 11.84 14.29 -76.46
N PHE D 88 11.66 13.85 -75.23
CA PHE D 88 11.84 14.72 -74.07
C PHE D 88 13.27 15.27 -74.05
N CYS D 89 14.24 14.39 -74.24
CA CYS D 89 15.65 14.77 -74.14
C CYS D 89 16.10 15.67 -75.29
N MSE D 90 15.65 15.36 -76.50
CA MSE D 90 15.94 16.23 -77.63
C MSE D 90 15.35 17.61 -77.39
O MSE D 90 16.03 18.62 -77.55
CB MSE D 90 15.40 15.62 -78.93
CG MSE D 90 16.01 14.27 -79.24
SE MSE D 90 17.94 14.35 -79.00
CE MSE D 90 18.34 12.47 -78.67
N HIS D 91 14.09 17.65 -76.98
CA HIS D 91 13.41 18.92 -76.75
C HIS D 91 14.12 19.79 -75.73
N HIS D 92 14.54 19.18 -74.64
CA HIS D 92 15.23 19.90 -73.58
C HIS D 92 16.74 19.93 -73.74
N GLN D 93 17.23 19.44 -74.86
CA GLN D 93 18.65 19.44 -75.14
C GLN D 93 19.49 18.76 -74.08
N ARG D 94 19.02 17.62 -73.58
CA ARG D 94 19.75 16.91 -72.57
C ARG D 94 20.05 15.49 -73.01
N CYS D 95 21.20 14.97 -72.59
CA CYS D 95 21.58 13.61 -72.96
C CYS D 95 20.66 12.58 -72.31
N VAL D 96 20.40 11.49 -73.03
CA VAL D 96 19.56 10.41 -72.54
C VAL D 96 20.09 9.83 -71.22
N PRO D 97 19.20 9.63 -70.25
CA PRO D 97 19.57 9.03 -68.96
C PRO D 97 20.27 7.70 -69.14
N ARG D 98 21.28 7.40 -68.34
CA ARG D 98 21.94 6.12 -68.53
C ARG D 98 20.91 5.14 -68.03
N ALA D 99 20.47 4.25 -68.92
CA ALA D 99 19.46 3.29 -68.55
C ALA D 99 19.95 1.99 -67.95
N GLU D 100 20.17 2.00 -66.65
CA GLU D 100 20.60 0.79 -65.97
C GLU D 100 19.42 -0.14 -66.16
N HIS D 101 18.25 0.46 -66.09
CA HIS D 101 16.96 -0.22 -66.25
C HIS D 101 16.20 0.54 -67.31
N PRO D 102 15.43 -0.18 -68.14
CA PRO D 102 14.70 0.48 -69.23
C PRO D 102 13.88 1.67 -68.75
N VAL D 103 13.87 2.74 -69.55
CA VAL D 103 13.10 3.93 -69.22
C VAL D 103 12.08 4.25 -70.33
N TYR D 104 10.80 4.16 -70.00
CA TYR D 104 9.72 4.44 -70.93
C TYR D 104 9.47 5.92 -71.25
N ASN D 105 9.52 6.74 -70.21
CA ASN D 105 9.29 8.17 -70.33
C ASN D 105 9.90 8.91 -69.16
N MSE D 106 9.87 10.24 -69.24
CA MSE D 106 10.44 11.07 -68.20
C MSE D 106 9.48 11.77 -67.23
O MSE D 106 9.88 12.66 -66.52
CB MSE D 106 11.37 12.09 -68.82
CG MSE D 106 12.42 11.48 -69.69
SE MSE D 106 13.82 10.69 -68.67
CE MSE D 106 14.82 12.26 -68.27
N VAL D 107 8.21 11.35 -67.22
CA VAL D 107 7.18 11.92 -66.36
C VAL D 107 7.67 12.17 -64.94
N MSE D 108 8.47 11.24 -64.42
CA MSE D 108 8.99 11.35 -63.05
C MSE D 108 10.51 11.56 -63.02
O MSE D 108 11.18 11.10 -62.09
CB MSE D 108 8.61 10.10 -62.25
CG MSE D 108 7.11 9.99 -61.94
SE MSE D 108 6.69 8.50 -60.75
CE MSE D 108 7.96 8.89 -59.33
N SER D 109 11.04 12.26 -64.02
CA SER D 109 12.46 12.47 -64.13
C SER D 109 13.10 12.99 -62.84
N ASP D 110 12.59 14.13 -62.36
CA ASP D 110 13.20 14.81 -61.21
C ASP D 110 12.75 14.25 -59.86
N VAL D 111 12.12 13.07 -59.85
CA VAL D 111 11.65 12.49 -58.60
C VAL D 111 12.55 11.38 -58.07
N THR D 112 12.83 11.45 -56.77
CA THR D 112 13.56 10.40 -56.08
C THR D 112 12.72 9.88 -54.91
N ILE D 113 12.20 8.66 -55.04
CA ILE D 113 11.33 8.10 -54.01
C ILE D 113 12.05 7.12 -53.07
N SER D 114 11.43 6.91 -51.91
CA SER D 114 11.79 5.79 -51.04
C SER D 114 10.53 5.26 -50.38
N CYS D 115 10.50 3.95 -50.15
CA CYS D 115 9.27 3.30 -49.71
C CYS D 115 9.30 2.87 -48.25
N THR D 116 8.10 2.77 -47.66
CA THR D 116 7.97 2.20 -46.33
C THR D 116 6.60 1.59 -46.10
N SER D 117 6.56 0.63 -45.20
CA SER D 117 5.30 0.01 -44.80
C SER D 117 4.52 -0.46 -46.02
N LEU D 118 5.21 -1.10 -46.95
CA LEU D 118 4.55 -1.70 -48.10
C LEU D 118 4.79 -3.21 -48.15
N GLU D 119 3.87 -3.89 -48.81
CA GLU D 119 3.93 -5.31 -49.04
C GLU D 119 5.04 -5.40 -50.09
N LYS D 120 5.83 -6.47 -50.09
CA LYS D 120 6.93 -6.61 -51.04
C LYS D 120 6.47 -6.48 -52.49
N GLU D 121 5.41 -7.20 -52.84
CA GLU D 121 4.88 -7.15 -54.20
C GLU D 121 4.59 -5.72 -54.64
N LYS D 122 3.96 -4.96 -53.74
CA LYS D 122 3.60 -3.57 -54.04
C LYS D 122 4.85 -2.69 -54.21
N ARG D 123 5.82 -2.87 -53.31
CA ARG D 123 7.06 -2.10 -53.37
C ARG D 123 7.84 -2.36 -54.66
N GLU D 124 7.90 -3.62 -55.07
CA GLU D 124 8.58 -3.98 -56.30
C GLU D 124 7.90 -3.28 -57.48
N GLU D 125 6.58 -3.15 -57.41
CA GLU D 125 5.80 -2.51 -58.46
C GLU D 125 6.00 -1.00 -58.49
N VAL D 126 5.99 -0.37 -57.31
CA VAL D 126 6.21 1.06 -57.22
C VAL D 126 7.62 1.38 -57.72
N HIS D 127 8.57 0.50 -57.41
CA HIS D 127 9.93 0.63 -57.88
C HIS D 127 10.00 0.62 -59.41
N LYS D 128 9.30 -0.32 -60.02
CA LYS D 128 9.31 -0.48 -61.47
C LYS D 128 8.71 0.74 -62.17
N TYR D 129 7.49 1.09 -61.79
CA TYR D 129 6.79 2.21 -62.41
C TYR D 129 7.62 3.49 -62.33
N VAL D 130 8.21 3.74 -61.18
CA VAL D 130 8.96 4.96 -60.98
C VAL D 130 10.16 4.98 -61.92
N GLN D 131 10.95 3.92 -61.87
CA GLN D 131 12.11 3.80 -62.72
C GLN D 131 11.73 4.00 -64.16
N MSE D 132 10.63 3.38 -64.56
CA MSE D 132 10.16 3.45 -65.93
C MSE D 132 9.70 4.86 -66.33
O MSE D 132 9.63 5.18 -67.51
CB MSE D 132 9.05 2.44 -66.17
CG MSE D 132 9.53 1.04 -66.45
SE MSE D 132 8.05 -0.11 -66.94
CE MSE D 132 7.53 0.76 -68.60
N MSE D 133 9.38 5.67 -65.34
CA MSE D 133 8.99 7.04 -65.61
C MSE D 133 10.14 7.99 -65.33
O MSE D 133 9.95 9.19 -65.19
CB MSE D 133 7.74 7.41 -64.78
CG MSE D 133 6.50 6.65 -65.22
SE MSE D 133 4.86 7.32 -64.42
CE MSE D 133 4.89 6.27 -62.76
N GLY D 134 11.34 7.44 -65.22
CA GLY D 134 12.54 8.25 -65.10
C GLY D 134 12.93 8.74 -63.71
N GLY D 135 12.31 8.17 -62.68
CA GLY D 135 12.62 8.56 -61.32
C GLY D 135 13.76 7.73 -60.74
N ARG D 136 14.20 8.07 -59.54
CA ARG D 136 15.19 7.28 -58.84
C ARG D 136 14.53 6.63 -57.63
N VAL D 137 15.07 5.48 -57.23
CA VAL D 137 14.65 4.83 -56.00
C VAL D 137 15.84 4.53 -55.11
N TYR D 138 15.84 5.08 -53.91
CA TYR D 138 16.84 4.74 -52.90
C TYR D 138 16.25 3.78 -51.89
N ARG D 139 16.94 2.66 -51.66
CA ARG D 139 16.50 1.69 -50.66
C ARG D 139 16.38 2.34 -49.28
N ASP D 140 17.42 3.07 -48.89
CA ASP D 140 17.46 3.79 -47.62
C ASP D 140 17.03 5.23 -47.86
N LEU D 141 16.65 5.92 -46.80
CA LEU D 141 16.24 7.31 -46.94
C LEU D 141 17.42 8.25 -46.77
N ASN D 142 17.47 9.25 -47.65
CA ASN D 142 18.47 10.31 -47.52
C ASN D 142 17.87 11.63 -47.97
N VAL D 143 18.60 12.71 -47.74
CA VAL D 143 18.10 14.05 -48.02
C VAL D 143 17.71 14.26 -49.48
N SER D 144 18.24 13.44 -50.39
CA SER D 144 17.94 13.57 -51.82
C SER D 144 16.52 13.17 -52.14
N VAL D 145 15.95 12.28 -51.33
CA VAL D 145 14.60 11.79 -51.56
C VAL D 145 13.59 12.93 -51.58
N THR D 146 12.79 12.98 -52.63
CA THR D 146 11.84 14.08 -52.80
C THR D 146 10.44 13.69 -52.33
N HIS D 147 10.18 12.40 -52.26
CA HIS D 147 8.89 11.91 -51.81
C HIS D 147 9.01 10.54 -51.16
N LEU D 148 8.33 10.37 -50.02
CA LEU D 148 8.22 9.05 -49.40
C LEU D 148 6.88 8.37 -49.71
N ILE D 149 6.96 7.14 -50.22
CA ILE D 149 5.77 6.36 -50.52
C ILE D 149 5.48 5.44 -49.33
N ALA D 150 4.27 5.55 -48.79
CA ALA D 150 3.93 4.82 -47.58
C ALA D 150 2.56 4.16 -47.66
N GLY D 151 2.51 2.89 -47.25
CA GLY D 151 1.25 2.16 -47.20
C GLY D 151 0.55 2.43 -45.89
N GLU D 152 1.34 2.74 -44.86
CA GLU D 152 0.81 3.02 -43.53
C GLU D 152 1.67 4.05 -42.82
N VAL D 153 1.21 4.48 -41.66
CA VAL D 153 1.93 5.43 -40.81
C VAL D 153 2.67 4.71 -39.69
N GLY D 154 3.64 5.40 -39.10
CA GLY D 154 4.27 4.91 -37.88
C GLY D 154 5.70 4.37 -37.94
N SER D 155 6.15 3.93 -39.12
CA SER D 155 7.47 3.30 -39.21
C SER D 155 8.59 4.32 -38.98
N LYS D 156 9.79 3.82 -38.71
CA LYS D 156 10.92 4.69 -38.42
C LYS D 156 11.25 5.57 -39.62
N LYS D 157 11.27 4.98 -40.80
CA LYS D 157 11.49 5.73 -42.02
C LYS D 157 10.44 6.83 -42.14
N TYR D 158 9.19 6.46 -41.91
CA TYR D 158 8.06 7.39 -41.91
C TYR D 158 8.34 8.57 -40.99
N LEU D 159 8.94 8.29 -39.83
CA LEU D 159 9.15 9.32 -38.82
C LEU D 159 10.18 10.34 -39.27
N VAL D 160 11.32 9.86 -39.73
CA VAL D 160 12.37 10.74 -40.22
C VAL D 160 11.86 11.58 -41.40
N ALA D 161 11.16 10.96 -42.33
CA ALA D 161 10.54 11.68 -43.43
C ALA D 161 9.64 12.80 -42.91
N ALA D 162 8.93 12.51 -41.82
CA ALA D 162 7.97 13.45 -41.27
C ALA D 162 8.69 14.60 -40.59
N ASN D 163 9.81 14.28 -39.93
CA ASN D 163 10.61 15.30 -39.30
C ASN D 163 11.32 16.16 -40.34
N LEU D 164 11.52 15.59 -41.52
CA LEU D 164 12.19 16.31 -42.60
C LEU D 164 11.21 17.15 -43.40
N LYS D 165 9.92 17.03 -43.07
CA LYS D 165 8.86 17.72 -43.79
C LYS D 165 8.77 17.32 -45.26
N LYS D 166 9.23 16.11 -45.58
CA LYS D 166 9.10 15.57 -46.95
C LYS D 166 7.70 15.03 -47.18
N PRO D 167 7.20 15.16 -48.42
CA PRO D 167 5.86 14.63 -48.71
C PRO D 167 5.75 13.12 -48.43
N ILE D 168 4.67 12.71 -47.79
CA ILE D 168 4.38 11.29 -47.63
C ILE D 168 3.11 10.97 -48.38
N LEU D 169 3.23 10.09 -49.38
CA LEU D 169 2.15 9.83 -50.32
C LEU D 169 1.85 8.34 -50.48
N LEU D 170 0.57 8.04 -50.74
CA LEU D 170 0.13 6.68 -50.94
C LEU D 170 0.67 6.14 -52.25
N PRO D 171 0.74 4.81 -52.39
CA PRO D 171 1.25 4.20 -53.62
C PRO D 171 0.37 4.52 -54.82
N SER D 172 -0.85 4.98 -54.57
CA SER D 172 -1.80 5.25 -55.65
C SER D 172 -1.40 6.49 -56.43
N TRP D 173 -0.49 7.27 -55.86
CA TRP D 173 0.10 8.42 -56.55
C TRP D 173 0.90 7.92 -57.74
N ILE D 174 1.71 6.89 -57.51
CA ILE D 174 2.51 6.29 -58.58
C ILE D 174 1.59 5.63 -59.60
N LYS D 175 0.58 4.93 -59.12
CA LYS D 175 -0.37 4.25 -59.97
C LYS D 175 -1.10 5.24 -60.89
N THR D 176 -1.51 6.37 -60.35
CA THR D 176 -2.20 7.39 -61.13
C THR D 176 -1.30 8.02 -62.19
N LEU D 177 -0.05 8.28 -61.82
CA LEU D 177 0.90 8.87 -62.76
C LEU D 177 1.18 7.94 -63.93
N TRP D 178 1.10 6.63 -63.71
CA TRP D 178 1.34 5.66 -64.78
C TRP D 178 0.12 5.55 -65.68
N GLU D 179 -1.06 5.50 -65.07
CA GLU D 179 -2.30 5.46 -65.83
C GLU D 179 -2.51 6.73 -66.65
N LYS D 180 -2.33 7.88 -66.04
CA LYS D 180 -2.51 9.15 -66.74
C LYS D 180 -1.50 9.28 -67.85
N SER D 181 -0.28 8.85 -67.60
CA SER D 181 0.75 8.95 -68.62
C SER D 181 0.47 8.17 -69.89
N GLN D 182 0.05 6.92 -69.75
CA GLN D 182 -0.27 6.08 -70.91
C GLN D 182 -1.46 6.62 -71.69
N GLU D 183 -2.43 7.11 -70.94
CA GLU D 183 -3.66 7.71 -71.44
C GLU D 183 -3.38 9.10 -72.00
N LYS D 184 -2.09 9.46 -72.02
CA LYS D 184 -1.65 10.74 -72.55
C LYS D 184 -2.44 11.90 -71.95
N LYS D 185 -2.79 11.79 -70.67
CA LYS D 185 -3.53 12.84 -69.98
C LYS D 185 -2.58 13.79 -69.27
N ILE D 186 -1.38 13.32 -68.98
CA ILE D 186 -0.37 14.13 -68.30
C ILE D 186 0.98 13.89 -68.92
N THR D 187 1.88 14.85 -68.75
CA THR D 187 3.21 14.76 -69.33
C THR D 187 4.26 14.91 -68.24
N ARG D 188 3.83 15.39 -67.07
CA ARG D 188 4.73 15.61 -65.95
C ARG D 188 4.07 15.21 -64.64
N TYR D 189 4.87 14.74 -63.67
CA TYR D 189 4.34 14.30 -62.40
C TYR D 189 3.65 15.41 -61.64
N THR D 190 3.82 16.65 -62.10
CA THR D 190 3.23 17.81 -61.44
C THR D 190 1.88 18.19 -62.06
N ASP D 191 1.39 17.34 -62.95
CA ASP D 191 0.11 17.58 -63.60
C ASP D 191 -1.05 17.19 -62.69
N ILE D 192 -0.84 16.16 -61.87
CA ILE D 192 -1.85 15.74 -60.92
C ILE D 192 -1.58 16.39 -59.57
N ASN D 193 -2.62 16.50 -58.74
CA ASN D 193 -2.48 17.14 -57.44
C ASN D 193 -1.94 16.19 -56.38
N MSE D 194 -0.71 16.43 -55.96
CA MSE D 194 -0.05 15.56 -55.01
C MSE D 194 -0.82 15.46 -53.70
O MSE D 194 -0.84 14.40 -53.06
CB MSE D 194 1.36 16.09 -54.74
CG MSE D 194 2.13 15.25 -53.77
SE MSE D 194 3.82 16.09 -53.39
CE MSE D 194 3.16 17.63 -52.43
N GLU D 195 -1.47 16.55 -53.31
CA GLU D 195 -2.21 16.63 -52.06
C GLU D 195 -3.30 15.58 -51.99
N ASP D 196 -3.90 15.29 -53.14
CA ASP D 196 -4.95 14.30 -53.20
C ASP D 196 -4.43 12.91 -52.84
N PHE D 197 -3.11 12.82 -52.69
CA PHE D 197 -2.50 11.52 -52.42
C PHE D 197 -1.75 11.45 -51.09
N LYS D 198 -1.82 12.53 -50.32
CA LYS D 198 -1.32 12.55 -48.96
C LYS D 198 -1.74 11.31 -48.19
N CYS D 199 -0.77 10.63 -47.58
CA CYS D 199 -1.09 9.52 -46.68
C CYS D 199 -1.76 10.09 -45.44
N PRO D 200 -2.99 9.64 -45.15
CA PRO D 200 -3.75 10.08 -43.98
C PRO D 200 -2.94 9.90 -42.71
N ILE D 201 -3.04 10.88 -41.81
CA ILE D 201 -2.33 10.86 -40.54
C ILE D 201 -2.48 9.55 -39.73
N PHE D 202 -3.67 8.96 -39.74
CA PHE D 202 -3.88 7.75 -38.95
C PHE D 202 -4.10 6.52 -39.81
N LEU D 203 -3.73 6.59 -41.08
CA LEU D 203 -3.92 5.47 -41.98
C LEU D 203 -3.25 4.21 -41.44
N GLY D 204 -4.03 3.14 -41.30
CA GLY D 204 -3.51 1.89 -40.77
C GLY D 204 -3.70 1.78 -39.27
N CYS D 205 -4.05 2.89 -38.64
CA CYS D 205 -4.31 2.92 -37.20
C CYS D 205 -5.71 2.47 -36.82
N ILE D 206 -5.80 1.54 -35.88
CA ILE D 206 -7.10 1.14 -35.31
C ILE D 206 -7.12 1.57 -33.85
N ILE D 207 -7.92 2.59 -33.55
CA ILE D 207 -7.83 3.28 -32.27
C ILE D 207 -8.98 2.98 -31.29
N CYS D 208 -8.60 2.60 -30.07
CA CYS D 208 -9.53 2.38 -28.96
C CYS D 208 -9.21 3.31 -27.80
N VAL D 209 -10.17 3.49 -26.92
CA VAL D 209 -10.07 4.46 -25.84
C VAL D 209 -10.57 3.87 -24.52
N THR D 210 -10.08 4.38 -23.40
CA THR D 210 -10.61 3.99 -22.10
C THR D 210 -10.38 5.09 -21.09
N GLY D 211 -11.33 5.27 -20.18
CA GLY D 211 -11.14 6.16 -19.04
C GLY D 211 -11.34 7.62 -19.39
N LEU D 212 -11.90 7.88 -20.56
CA LEU D 212 -12.07 9.25 -21.01
C LEU D 212 -13.49 9.73 -20.82
N CYS D 213 -13.66 11.04 -20.64
CA CYS D 213 -15.00 11.61 -20.61
C CYS D 213 -15.68 11.42 -21.98
N GLY D 214 -17.00 11.58 -22.00
CA GLY D 214 -17.77 11.43 -23.22
C GLY D 214 -17.38 12.36 -24.35
N LEU D 215 -16.96 13.58 -24.01
CA LEU D 215 -16.56 14.55 -25.01
C LEU D 215 -15.24 14.16 -25.66
N ASP D 216 -14.33 13.62 -24.85
CA ASP D 216 -13.01 13.24 -25.36
C ASP D 216 -13.08 12.07 -26.34
N ARG D 217 -13.78 11.00 -25.98
CA ARG D 217 -13.81 9.84 -26.87
C ARG D 217 -14.63 10.09 -28.13
N LYS D 218 -15.72 10.84 -28.02
CA LYS D 218 -16.44 11.22 -29.22
C LYS D 218 -15.50 12.04 -30.11
N GLU D 219 -14.73 12.92 -29.49
CA GLU D 219 -13.77 13.72 -30.21
C GLU D 219 -12.71 12.87 -30.90
N VAL D 220 -12.22 11.83 -30.22
CA VAL D 220 -11.22 10.96 -30.86
C VAL D 220 -11.90 10.12 -31.91
N GLN D 221 -13.12 9.66 -31.63
CA GLN D 221 -13.86 8.91 -32.64
C GLN D 221 -14.01 9.73 -33.91
N GLN D 222 -14.46 10.97 -33.75
CA GLN D 222 -14.70 11.84 -34.90
C GLN D 222 -13.43 12.07 -35.70
N LEU D 223 -12.40 12.56 -35.01
CA LEU D 223 -11.12 12.89 -35.64
C LEU D 223 -10.38 11.68 -36.21
N THR D 224 -10.56 10.52 -35.60
CA THR D 224 -9.88 9.33 -36.11
C THR D 224 -10.33 9.03 -37.52
N VAL D 225 -11.64 8.87 -37.68
CA VAL D 225 -12.24 8.61 -38.98
C VAL D 225 -11.91 9.73 -39.98
N LYS D 226 -12.01 10.97 -39.51
CA LYS D 226 -11.69 12.12 -40.32
C LYS D 226 -10.29 12.02 -40.94
N HIS D 227 -9.37 11.43 -40.19
CA HIS D 227 -7.96 11.36 -40.63
C HIS D 227 -7.49 9.98 -41.06
N GLY D 228 -8.37 9.22 -41.69
CA GLY D 228 -8.00 7.95 -42.28
C GLY D 228 -7.75 6.81 -41.32
N GLY D 229 -8.09 7.00 -40.05
CA GLY D 229 -7.96 5.94 -39.08
C GLY D 229 -9.25 5.18 -38.84
N GLN D 230 -9.17 4.10 -38.07
CA GLN D 230 -10.36 3.36 -37.67
C GLN D 230 -10.60 3.50 -36.17
N TYR D 231 -11.87 3.73 -35.80
CA TYR D 231 -12.24 3.81 -34.40
C TYR D 231 -13.02 2.59 -33.96
N MSE D 232 -12.63 1.99 -32.84
CA MSE D 232 -13.37 0.87 -32.26
C MSE D 232 -13.88 1.21 -30.87
O MSE D 232 -13.11 1.70 -30.04
CB MSE D 232 -12.50 -0.38 -32.18
CG MSE D 232 -11.91 -0.86 -33.49
SE MSE D 232 -13.10 -1.97 -34.57
CE MSE D 232 -14.09 -0.57 -35.49
N GLY D 233 -15.14 0.93 -30.62
CA GLY D 233 -15.71 1.18 -29.30
C GLY D 233 -15.13 0.25 -28.25
N GLN D 234 -14.76 -0.94 -28.68
CA GLN D 234 -14.30 -2.00 -27.78
C GLN D 234 -12.92 -2.49 -28.16
N LEU D 235 -12.06 -2.68 -27.17
CA LEU D 235 -10.70 -3.19 -27.40
C LEU D 235 -10.73 -4.67 -27.77
N LYS D 236 -10.33 -5.00 -29.00
CA LYS D 236 -10.30 -6.37 -29.44
C LYS D 236 -8.90 -6.72 -29.87
N MSE D 237 -8.43 -7.89 -29.47
CA MSE D 237 -7.09 -8.32 -29.82
C MSE D 237 -6.96 -8.61 -31.30
O MSE D 237 -7.89 -9.04 -31.94
CB MSE D 237 -6.70 -9.56 -29.02
CG MSE D 237 -7.23 -10.85 -29.56
SE MSE D 237 -6.58 -12.35 -28.56
CE MSE D 237 -4.75 -11.76 -28.31
N ASN D 238 -5.78 -8.31 -31.84
CA ASN D 238 -5.53 -8.54 -33.24
C ASN D 238 -6.30 -7.55 -34.11
N GLU D 239 -6.85 -6.51 -33.49
CA GLU D 239 -7.56 -5.47 -34.19
C GLU D 239 -6.98 -4.13 -33.88
N CYS D 240 -7.11 -3.74 -32.62
CA CYS D 240 -6.64 -2.46 -32.16
C CYS D 240 -5.15 -2.33 -32.26
N THR D 241 -4.70 -1.15 -32.67
CA THR D 241 -3.27 -0.90 -32.75
C THR D 241 -2.86 0.11 -31.68
N HIS D 242 -3.79 1.01 -31.36
CA HIS D 242 -3.54 2.03 -30.33
C HIS D 242 -4.67 2.07 -29.31
N LEU D 243 -4.29 2.00 -28.03
CA LEU D 243 -5.22 2.26 -26.94
C LEU D 243 -4.82 3.57 -26.26
N ILE D 244 -5.71 4.55 -26.33
CA ILE D 244 -5.50 5.82 -25.64
C ILE D 244 -5.97 5.71 -24.18
N VAL D 245 -5.04 5.79 -23.23
CA VAL D 245 -5.33 5.63 -21.81
C VAL D 245 -4.43 6.54 -21.00
N GLN D 246 -5.02 7.35 -20.12
CA GLN D 246 -4.23 8.29 -19.34
C GLN D 246 -3.36 7.63 -18.28
N GLU D 247 -3.83 6.56 -17.66
CA GLU D 247 -3.07 5.90 -16.61
C GLU D 247 -2.92 4.41 -16.81
N PRO D 248 -1.87 3.86 -16.23
CA PRO D 248 -1.59 2.42 -16.36
C PRO D 248 -2.36 1.55 -15.38
N LYS D 249 -3.68 1.64 -15.43
CA LYS D 249 -4.52 0.85 -14.57
C LYS D 249 -5.73 0.44 -15.37
N GLY D 250 -6.25 -0.75 -15.11
CA GLY D 250 -7.42 -1.24 -15.79
C GLY D 250 -7.12 -2.52 -16.52
N GLN D 251 -8.09 -3.43 -16.57
CA GLN D 251 -7.90 -4.71 -17.23
C GLN D 251 -7.65 -4.48 -18.71
N LYS D 252 -8.42 -3.56 -19.29
CA LYS D 252 -8.23 -3.17 -20.68
C LYS D 252 -6.76 -2.80 -20.93
N TYR D 253 -6.20 -1.96 -20.07
CA TYR D 253 -4.83 -1.50 -20.22
C TYR D 253 -3.81 -2.64 -20.16
N GLU D 254 -3.98 -3.52 -19.18
CA GLU D 254 -3.05 -4.62 -18.97
C GLU D 254 -3.03 -5.54 -20.17
N CYS D 255 -4.19 -5.73 -20.79
CA CYS D 255 -4.30 -6.63 -21.92
C CYS D 255 -3.61 -6.05 -23.14
N ALA D 256 -3.92 -4.81 -23.47
CA ALA D 256 -3.27 -4.12 -24.58
C ALA D 256 -1.76 -4.24 -24.42
N LYS D 257 -1.28 -3.83 -23.26
CA LYS D 257 0.14 -3.90 -22.93
C LYS D 257 0.69 -5.29 -23.25
N ARG D 258 0.02 -6.31 -22.75
CA ARG D 258 0.44 -7.69 -22.95
C ARG D 258 0.47 -8.04 -24.45
N TRP D 259 -0.50 -7.54 -25.19
CA TRP D 259 -0.62 -7.83 -26.61
C TRP D 259 0.32 -6.98 -27.44
N ASN D 260 1.11 -6.15 -26.76
CA ASN D 260 2.03 -5.26 -27.45
C ASN D 260 1.32 -4.24 -28.35
N VAL D 261 0.11 -3.84 -27.92
CA VAL D 261 -0.58 -2.70 -28.50
C VAL D 261 -0.01 -1.40 -27.89
N HIS D 262 0.09 -0.36 -28.70
CA HIS D 262 0.51 0.94 -28.19
C HIS D 262 -0.46 1.46 -27.16
N CYS D 263 0.03 1.69 -25.95
CA CYS D 263 -0.76 2.38 -24.93
C CYS D 263 -0.25 3.80 -24.75
N VAL D 264 -1.05 4.75 -25.18
CA VAL D 264 -0.61 6.13 -25.21
C VAL D 264 -1.64 7.10 -24.64
N THR D 265 -1.18 8.25 -24.21
CA THR D 265 -2.06 9.27 -23.68
C THR D 265 -2.76 9.96 -24.82
N THR D 266 -3.70 10.84 -24.51
CA THR D 266 -4.44 11.56 -25.54
C THR D 266 -3.53 12.55 -26.26
N GLN D 267 -2.43 12.92 -25.61
CA GLN D 267 -1.51 13.89 -26.20
C GLN D 267 -0.86 13.34 -27.47
N TRP D 268 -0.68 12.03 -27.54
CA TRP D 268 -0.20 11.43 -28.77
C TRP D 268 -1.17 11.73 -29.92
N PHE D 269 -2.45 11.47 -29.68
CA PHE D 269 -3.48 11.64 -30.70
C PHE D 269 -3.58 13.08 -31.19
N PHE D 270 -3.67 14.03 -30.27
CA PHE D 270 -3.88 15.41 -30.67
C PHE D 270 -2.60 16.02 -31.25
N ASP D 271 -1.46 15.72 -30.63
CA ASP D 271 -0.17 16.12 -31.18
C ASP D 271 0.03 15.59 -32.60
N SER D 272 -0.33 14.33 -32.83
CA SER D 272 -0.22 13.75 -34.17
C SER D 272 -0.99 14.60 -35.18
N ILE D 273 -2.16 15.07 -34.78
CA ILE D 273 -3.00 15.86 -35.68
C ILE D 273 -2.40 17.24 -35.94
N GLU D 274 -2.00 17.91 -34.87
CA GLU D 274 -1.40 19.23 -34.93
C GLU D 274 -0.11 19.27 -35.76
N LYS D 275 0.77 18.30 -35.51
CA LYS D 275 2.04 18.19 -36.21
C LYS D 275 1.88 17.72 -37.67
N GLY D 276 0.77 17.07 -37.97
CA GLY D 276 0.51 16.62 -39.33
C GLY D 276 0.95 15.20 -39.66
N PHE D 277 1.36 14.44 -38.65
CA PHE D 277 1.73 13.05 -38.87
C PHE D 277 1.65 12.18 -37.61
N CYS D 278 1.60 10.87 -37.80
CA CYS D 278 1.53 9.97 -36.67
C CYS D 278 2.84 10.07 -35.91
N GLN D 279 2.73 10.46 -34.66
CA GLN D 279 3.86 10.70 -33.78
C GLN D 279 4.47 9.41 -33.32
N ASP D 280 5.62 9.51 -32.68
CA ASP D 280 6.27 8.33 -32.16
C ASP D 280 5.52 7.94 -30.91
N GLU D 281 4.97 6.74 -30.87
CA GLU D 281 4.26 6.29 -29.68
C GLU D 281 5.16 6.21 -28.43
N SER D 282 6.41 5.80 -28.63
CA SER D 282 7.36 5.70 -27.51
C SER D 282 7.44 6.98 -26.69
N ILE D 283 7.27 8.12 -27.36
CA ILE D 283 7.33 9.43 -26.73
C ILE D 283 6.19 9.64 -25.74
N TYR D 284 5.15 8.82 -25.87
CA TYR D 284 3.87 9.07 -25.20
C TYR D 284 3.35 7.87 -24.41
N LYS D 285 4.25 7.00 -23.94
CA LYS D 285 3.83 5.78 -23.23
C LYS D 285 2.98 6.05 -21.98
N THR D 286 1.89 5.29 -21.84
CA THR D 286 0.99 5.41 -20.69
C THR D 286 1.76 5.19 -19.40
N GLU D 287 2.55 4.13 -19.37
CA GLU D 287 3.48 3.93 -18.27
C GLU D 287 4.87 4.27 -18.77
N PRO D 288 5.40 5.42 -18.35
CA PRO D 288 6.72 5.91 -18.75
C PRO D 288 7.88 5.07 -18.21
N ARG D 289 7.73 4.48 -17.02
CA ARG D 289 8.80 3.69 -16.41
C ARG D 289 8.50 2.20 -16.36
N PRO D 290 9.01 1.44 -17.33
CA PRO D 290 8.83 -0.02 -17.30
C PRO D 290 9.76 -0.70 -16.29
C1 GOL E . -12.39 -12.77 29.85
O1 GOL E . -13.53 -13.60 29.77
C2 GOL E . -12.81 -11.33 29.63
O2 GOL E . -12.09 -10.72 28.57
C3 GOL E . -12.54 -10.60 30.94
O3 GOL E . -12.85 -11.51 31.97
C1 GOL F . -11.66 1.99 27.60
O1 GOL F . -10.62 1.47 28.42
C2 GOL F . -12.38 0.83 26.89
O2 GOL F . -11.59 -0.34 27.02
C3 GOL F . -12.57 1.15 25.41
O3 GOL F . -13.55 2.16 25.23
C1 GOL G . -16.93 -14.89 38.19
O1 GOL G . -17.52 -14.87 39.48
C2 GOL G . -17.79 -14.08 37.23
O2 GOL G . -18.35 -14.95 36.25
C3 GOL G . -16.91 -13.03 36.55
O3 GOL G . -16.12 -12.39 37.53
C1 GOL H . 27.55 -16.60 19.24
O1 GOL H . 28.33 -17.15 18.20
C2 GOL H . 27.42 -17.53 20.46
O2 GOL H . 28.08 -18.76 20.24
C3 GOL H . 25.96 -17.80 20.83
O3 GOL H . 25.56 -16.99 21.91
C1 GOL I . 38.93 -18.15 25.17
O1 GOL I . 38.07 -18.89 24.32
C2 GOL I . 38.18 -17.03 25.91
O2 GOL I . 36.86 -16.93 25.43
C3 GOL I . 38.87 -15.68 25.77
O3 GOL I . 40.18 -15.73 26.29
C1 GOL J . 17.41 14.77 -37.55
O1 GOL J . 18.36 14.28 -38.48
C2 GOL J . 15.99 14.29 -37.90
O2 GOL J . 15.98 12.93 -38.27
C3 GOL J . 15.39 15.16 -39.00
O3 GOL J . 15.38 16.51 -38.61
C1 GOL K . 19.67 9.09 -2.31
O1 GOL K . 20.80 9.93 -2.37
C2 GOL K . 18.85 9.07 -3.60
O2 GOL K . 19.39 8.22 -4.60
C3 GOL K . 18.60 10.48 -4.12
O3 GOL K . 18.20 11.28 -3.04
C1 GOL L . 23.87 7.89 -20.35
O1 GOL L . 23.16 9.08 -20.14
C2 GOL L . 23.18 7.05 -21.41
O2 GOL L . 22.18 6.28 -20.78
C3 GOL L . 24.18 6.11 -22.10
O3 GOL L . 25.19 6.86 -22.75
C1 GOL M . 10.10 12.58 -32.74
O1 GOL M . 10.64 11.87 -33.84
C2 GOL M . 8.63 12.97 -32.96
O2 GOL M . 7.82 11.89 -33.42
C3 GOL M . 8.55 14.17 -33.90
O3 GOL M . 9.05 15.30 -33.22
C1 GOL N . 5.06 16.67 -44.39
O1 GOL N . 4.00 15.91 -44.94
C2 GOL N . 5.83 15.86 -43.36
O2 GOL N . 6.01 14.52 -43.79
C3 GOL N . 5.13 15.90 -42.02
O3 GOL N . 5.23 17.20 -41.47
C1 GOL O . 2.87 1.60 -24.10
O1 GOL O . 2.44 0.96 -25.27
C2 GOL O . 3.17 0.59 -22.98
O2 GOL O . 2.98 -0.74 -23.42
C3 GOL O . 2.28 0.88 -21.76
O3 GOL O . 2.70 2.08 -21.13
#